data_2HR2
#
_entry.id   2HR2
#
_cell.length_a   89.090
_cell.length_b   91.280
_cell.length_c   176.170
_cell.angle_alpha   90.000
_cell.angle_beta   90.000
_cell.angle_gamma   90.000
#
_symmetry.space_group_name_H-M   'P 21 21 21'
#
loop_
_entity.id
_entity.type
_entity.pdbx_description
1 polymer 'Hypothetical protein'
2 non-polymer GLYCEROL
3 non-polymer 'CHLORIDE ION'
4 water water
#
_entity_poly.entity_id   1
_entity_poly.type   'polypeptide(L)'
_entity_poly.pdbx_seq_one_letter_code
;G(MSE)KPLKEVVGAYLALSDAQRQLVAGEYDEAAANCRRA(MSE)EISHT(MSE)PPEEAFDHAGFDAFCHAGLAEALA
GLRSFDEALHSADKALHYFNRRGELNQDEGKLWISAVYSRALALDGLGRGAEA(MSE)PEFKKVVE(MSE)IEERKGETP
GKER(MSE)(MSE)EVAIDRIAQLGAS
;
_entity_poly.pdbx_strand_id   A,B,C,D,E,F
#
loop_
_chem_comp.id
_chem_comp.type
_chem_comp.name
_chem_comp.formula
CL non-polymer 'CHLORIDE ION' 'Cl -1'
GOL non-polymer GLYCEROL 'C3 H8 O3'
#
# COMPACT_ATOMS: atom_id res chain seq x y z
N LYS A 3 -15.41 25.16 21.83
CA LYS A 3 -14.05 25.46 22.36
C LYS A 3 -13.21 24.22 22.77
N PRO A 4 -13.68 23.37 23.72
CA PRO A 4 -12.86 22.22 24.17
C PRO A 4 -12.48 21.16 23.13
N LEU A 5 -13.46 20.58 22.44
CA LEU A 5 -13.17 19.58 21.41
C LEU A 5 -12.43 20.11 20.20
N LYS A 6 -12.55 21.40 19.92
CA LYS A 6 -11.85 22.02 18.80
C LYS A 6 -10.32 21.82 18.99
N GLU A 7 -9.88 21.94 20.24
CA GLU A 7 -8.48 21.80 20.60
C GLU A 7 -8.01 20.34 20.60
N VAL A 8 -8.88 19.43 21.03
CA VAL A 8 -8.57 18.00 21.03
C VAL A 8 -8.35 17.52 19.60
N VAL A 9 -9.29 17.85 18.71
CA VAL A 9 -9.19 17.45 17.32
C VAL A 9 -8.03 18.18 16.63
N GLY A 10 -7.85 19.46 16.94
CA GLY A 10 -6.76 20.24 16.36
C GLY A 10 -5.40 19.62 16.64
N ALA A 11 -5.20 19.19 17.89
CA ALA A 11 -3.95 18.57 18.31
C ALA A 11 -3.76 17.20 17.66
N TYR A 12 -4.81 16.39 17.63
CA TYR A 12 -4.75 15.07 16.98
C TYR A 12 -4.42 15.17 15.50
N LEU A 13 -5.04 16.11 14.78
CA LEU A 13 -4.77 16.28 13.36
C LEU A 13 -3.36 16.81 13.10
N ALA A 14 -2.86 17.67 13.99
CA ALA A 14 -1.51 18.18 13.86
C ALA A 14 -0.51 17.04 13.98
N LEU A 15 -0.73 16.14 14.96
CA LEU A 15 0.16 15.01 15.17
C LEU A 15 0.05 14.01 14.02
N SER A 16 -1.15 13.74 13.51
CA SER A 16 -1.30 12.82 12.38
CA SER A 16 -1.30 12.82 12.38
C SER A 16 -0.57 13.36 11.17
N ASP A 17 -0.66 14.66 10.92
CA ASP A 17 0.04 15.29 9.80
C ASP A 17 1.55 15.10 9.97
N ALA A 18 2.05 15.32 11.18
CA ALA A 18 3.47 15.15 11.48
C ALA A 18 3.93 13.72 11.21
N GLN A 19 3.12 12.75 11.61
CA GLN A 19 3.45 11.34 11.41
C GLN A 19 3.55 10.96 9.92
N ARG A 20 2.66 11.50 9.08
CA ARG A 20 2.73 11.24 7.64
CA ARG A 20 2.73 11.23 7.65
C ARG A 20 3.97 11.91 7.05
N GLN A 21 4.29 13.10 7.56
CA GLN A 21 5.44 13.85 7.10
C GLN A 21 6.77 13.14 7.46
N LEU A 22 6.84 12.49 8.61
CA LEU A 22 8.03 11.73 9.00
C LEU A 22 8.26 10.61 7.99
N VAL A 23 7.20 9.89 7.64
CA VAL A 23 7.28 8.81 6.66
C VAL A 23 7.76 9.34 5.30
N ALA A 24 7.30 10.52 4.93
CA ALA A 24 7.67 11.15 3.66
C ALA A 24 9.03 11.84 3.65
N GLY A 25 9.67 11.92 4.81
CA GLY A 25 10.98 12.57 4.91
C GLY A 25 10.92 14.09 4.98
N GLU A 26 9.75 14.65 5.23
CA GLU A 26 9.58 16.09 5.38
C GLU A 26 9.79 16.43 6.85
N TYR A 27 11.04 16.33 7.30
CA TYR A 27 11.36 16.51 8.72
C TYR A 27 11.15 17.92 9.26
N ASP A 28 11.42 18.94 8.45
CA ASP A 28 11.20 20.33 8.85
C ASP A 28 9.72 20.55 9.21
N GLU A 29 8.83 20.08 8.35
CA GLU A 29 7.38 20.23 8.56
C GLU A 29 6.90 19.39 9.74
N ALA A 30 7.44 18.17 9.83
CA ALA A 30 7.07 17.25 10.90
C ALA A 30 7.42 17.81 12.27
N ALA A 31 8.61 18.40 12.38
CA ALA A 31 9.04 19.00 13.64
C ALA A 31 8.11 20.13 14.04
N ALA A 32 7.78 20.98 13.08
CA ALA A 32 6.87 22.11 13.31
C ALA A 32 5.49 21.64 13.77
N ASN A 33 4.94 20.61 13.12
CA ASN A 33 3.64 20.07 13.49
C ASN A 33 3.61 19.37 14.85
N CYS A 34 4.71 18.75 15.25
CA CYS A 34 4.79 18.13 16.58
C CYS A 34 4.75 19.20 17.67
N ARG A 35 5.51 20.27 17.48
CA ARG A 35 5.52 21.37 18.43
C ARG A 35 4.14 22.03 18.45
N ARG A 36 3.55 22.20 17.27
CA ARG A 36 2.22 22.81 17.16
C ARG A 36 1.16 21.96 17.87
N ALA A 37 1.27 20.64 17.74
CA ALA A 37 0.33 19.73 18.40
C ALA A 37 0.36 19.88 19.92
N MSE A 38 1.56 20.03 20.49
CA MSE A 38 1.70 20.23 21.93
C MSE A 38 1.20 21.60 22.36
O MSE A 38 0.55 21.72 23.40
CB MSE A 38 3.13 20.06 22.39
CG MSE A 38 3.57 18.60 22.38
SE MSE A 38 5.44 18.32 22.96
CE MSE A 38 6.43 19.00 21.30
N GLU A 39 1.52 22.62 21.58
CA GLU A 39 1.07 23.98 21.87
C GLU A 39 -0.45 24.01 22.00
N ILE A 40 -1.13 23.33 21.08
CA ILE A 40 -2.59 23.24 21.09
C ILE A 40 -3.10 22.44 22.29
N SER A 41 -2.48 21.30 22.55
CA SER A 41 -2.89 20.44 23.66
C SER A 41 -2.81 21.15 25.01
N HIS A 42 -1.83 22.03 25.16
CA HIS A 42 -1.66 22.77 26.42
C HIS A 42 -2.53 24.03 26.56
N THR A 43 -3.40 24.29 25.59
CA THR A 43 -4.34 25.42 25.67
C THR A 43 -5.69 24.97 26.21
N MSE A 44 -5.82 23.68 26.50
CA MSE A 44 -7.06 23.13 27.03
C MSE A 44 -7.20 23.46 28.51
O MSE A 44 -6.20 23.60 29.20
CB MSE A 44 -7.07 21.59 26.91
CG MSE A 44 -7.44 21.05 25.56
SE MSE A 44 -7.32 19.09 25.54
CE MSE A 44 -5.83 18.83 24.46
N PRO A 45 -8.44 23.57 29.00
CA PRO A 45 -8.61 23.79 30.43
C PRO A 45 -8.22 22.50 31.15
N PRO A 46 -7.78 22.59 32.41
CA PRO A 46 -7.37 21.37 33.13
C PRO A 46 -8.51 20.38 33.38
N GLU A 47 -9.75 20.88 33.51
CA GLU A 47 -10.91 20.04 33.76
C GLU A 47 -11.43 19.22 32.55
N GLU A 48 -10.79 19.33 31.38
CA GLU A 48 -11.21 18.56 30.20
C GLU A 48 -10.37 17.28 30.12
N ALA A 49 -11.04 16.13 30.06
CA ALA A 49 -10.37 14.82 30.02
C ALA A 49 -9.52 14.65 28.78
N PHE A 50 -8.22 14.40 29.00
CA PHE A 50 -7.26 14.24 27.91
C PHE A 50 -5.98 13.67 28.52
N ASP A 51 -5.33 12.74 27.81
CA ASP A 51 -4.10 12.12 28.30
C ASP A 51 -2.89 12.98 27.89
N HIS A 52 -2.63 14.04 28.64
CA HIS A 52 -1.51 14.95 28.34
C HIS A 52 -0.14 14.27 28.41
N ALA A 53 0.08 13.44 29.40
CA ALA A 53 1.35 12.75 29.56
C ALA A 53 1.68 11.89 28.36
N GLY A 54 0.71 11.06 27.96
CA GLY A 54 0.86 10.18 26.80
C GLY A 54 0.95 10.94 25.50
N PHE A 55 0.08 11.93 25.32
CA PHE A 55 0.09 12.71 24.10
C PHE A 55 1.41 13.47 23.91
N ASP A 56 1.90 14.09 24.98
CA ASP A 56 3.19 14.79 24.91
C ASP A 56 4.34 13.83 24.59
N ALA A 57 4.26 12.61 25.12
CA ALA A 57 5.28 11.60 24.85
C ALA A 57 5.31 11.24 23.37
N PHE A 58 4.13 11.09 22.77
CA PHE A 58 4.01 10.75 21.35
C PHE A 58 4.58 11.88 20.51
N CYS A 59 4.28 13.12 20.88
CA CYS A 59 4.78 14.29 20.17
C CYS A 59 6.31 14.39 20.26
N HIS A 60 6.85 14.16 21.45
CA HIS A 60 8.31 14.18 21.65
C HIS A 60 9.04 13.08 20.89
N ALA A 61 8.42 11.91 20.77
CA ALA A 61 9.01 10.81 20.02
C ALA A 61 9.11 11.20 18.55
N GLY A 62 8.00 11.70 18.02
CA GLY A 62 7.95 12.17 16.64
C GLY A 62 8.92 13.30 16.40
N LEU A 63 8.98 14.24 17.33
CA LEU A 63 9.88 15.39 17.22
C LEU A 63 11.34 14.94 17.21
N ALA A 64 11.68 13.98 18.07
CA ALA A 64 13.04 13.44 18.14
C ALA A 64 13.45 12.79 16.83
N GLU A 65 12.53 12.04 16.22
CA GLU A 65 12.80 11.40 14.93
C GLU A 65 13.05 12.45 13.84
N ALA A 66 12.24 13.50 13.83
CA ALA A 66 12.40 14.57 12.83
C ALA A 66 13.72 15.30 13.00
N LEU A 67 14.04 15.67 14.23
CA LEU A 67 15.29 16.38 14.53
C LEU A 67 16.52 15.53 14.23
N ALA A 68 16.41 14.22 14.46
CA ALA A 68 17.50 13.30 14.14
C ALA A 68 17.70 13.29 12.64
N GLY A 69 16.60 13.28 11.90
CA GLY A 69 16.62 13.32 10.43
C GLY A 69 17.28 14.57 9.89
N LEU A 70 17.07 15.70 10.57
CA LEU A 70 17.69 16.96 10.18
C LEU A 70 19.12 17.11 10.69
N ARG A 71 19.58 16.14 11.47
CA ARG A 71 20.91 16.13 12.08
C ARG A 71 21.10 17.27 13.10
N SER A 72 19.99 17.64 13.75
CA SER A 72 19.98 18.61 14.83
C SER A 72 19.96 17.75 16.08
N PHE A 73 21.11 17.15 16.36
CA PHE A 73 21.22 16.14 17.41
C PHE A 73 21.03 16.59 18.86
N ASP A 74 21.45 17.80 19.18
CA ASP A 74 21.30 18.28 20.55
C ASP A 74 19.82 18.38 20.91
N GLU A 75 19.04 19.02 20.06
CA GLU A 75 17.59 19.15 20.29
C GLU A 75 16.89 17.79 20.23
N ALA A 76 17.37 16.92 19.34
CA ALA A 76 16.81 15.57 19.21
C ALA A 76 16.97 14.77 20.50
N LEU A 77 18.16 14.83 21.07
CA LEU A 77 18.45 14.12 22.31
C LEU A 77 17.52 14.54 23.43
N HIS A 78 17.31 15.84 23.57
CA HIS A 78 16.43 16.36 24.63
C HIS A 78 14.97 15.97 24.42
N SER A 79 14.52 15.94 23.17
CA SER A 79 13.15 15.54 22.89
C SER A 79 12.97 14.05 23.18
N ALA A 80 13.94 13.23 22.77
CA ALA A 80 13.87 11.80 23.03
C ALA A 80 13.86 11.50 24.53
N ASP A 81 14.68 12.21 25.30
CA ASP A 81 14.71 12.02 26.75
C ASP A 81 13.36 12.33 27.40
N LYS A 82 12.68 13.36 26.92
CA LYS A 82 11.36 13.70 27.45
C LYS A 82 10.34 12.61 27.14
N ALA A 83 10.46 11.98 25.98
CA ALA A 83 9.57 10.87 25.61
C ALA A 83 9.88 9.64 26.46
N LEU A 84 11.15 9.34 26.64
CA LEU A 84 11.59 8.18 27.41
C LEU A 84 11.27 8.30 28.90
N HIS A 85 11.21 9.53 29.41
CA HIS A 85 10.85 9.76 30.81
C HIS A 85 9.46 9.19 31.08
N TYR A 86 8.58 9.30 30.08
CA TYR A 86 7.22 8.75 30.16
C TYR A 86 7.20 7.24 29.92
N PHE A 87 7.83 6.80 28.83
CA PHE A 87 7.82 5.37 28.48
C PHE A 87 8.48 4.45 29.51
N ASN A 88 9.53 4.91 30.17
CA ASN A 88 10.18 4.09 31.19
C ASN A 88 9.28 3.93 32.42
N ARG A 89 8.40 4.91 32.67
CA ARG A 89 7.47 4.85 33.81
C ARG A 89 6.16 4.14 33.47
N ARG A 90 5.44 4.63 32.45
CA ARG A 90 4.12 4.09 32.09
C ARG A 90 4.02 3.43 30.70
N GLY A 91 5.14 3.07 30.10
CA GLY A 91 5.12 2.49 28.75
C GLY A 91 4.77 1.02 28.70
N GLU A 92 4.10 0.62 27.62
CA GLU A 92 3.72 -0.77 27.36
C GLU A 92 4.25 -1.18 25.98
N LEU A 93 5.28 -2.02 25.99
CA LEU A 93 5.98 -2.44 24.78
C LEU A 93 5.12 -3.19 23.75
N ASN A 94 4.18 -4.01 24.21
CA ASN A 94 3.35 -4.80 23.29
C ASN A 94 2.06 -4.14 22.80
N GLN A 95 1.94 -2.82 22.95
CA GLN A 95 0.78 -2.09 22.43
C GLN A 95 1.30 -1.18 21.34
N ASP A 96 0.43 -0.57 20.56
CA ASP A 96 0.89 0.33 19.47
C ASP A 96 1.90 1.35 19.97
N GLU A 97 1.64 1.84 21.19
CA GLU A 97 2.53 2.73 21.94
C GLU A 97 4.01 2.30 21.85
N GLY A 98 4.24 0.98 21.94
CA GLY A 98 5.59 0.41 21.89
C GLY A 98 6.42 0.77 20.67
N LYS A 99 5.76 1.00 19.55
CA LYS A 99 6.45 1.42 18.32
C LYS A 99 7.11 2.78 18.51
N LEU A 100 6.43 3.68 19.21
CA LEU A 100 6.98 5.00 19.50
C LEU A 100 8.07 4.94 20.59
N TRP A 101 7.97 3.97 21.50
CA TRP A 101 8.98 3.79 22.54
C TRP A 101 10.29 3.43 21.84
N ILE A 102 10.24 2.40 20.99
CA ILE A 102 11.40 1.93 20.24
C ILE A 102 11.99 3.07 19.40
N SER A 103 11.12 3.85 18.76
CA SER A 103 11.54 5.00 17.97
C SER A 103 12.35 5.99 18.80
N ALA A 104 11.87 6.30 20.00
CA ALA A 104 12.55 7.25 20.88
C ALA A 104 13.93 6.75 21.32
N VAL A 105 14.05 5.45 21.58
CA VAL A 105 15.33 4.85 21.98
C VAL A 105 16.29 4.91 20.79
N TYR A 106 15.78 4.66 19.59
CA TYR A 106 16.58 4.72 18.37
C TYR A 106 17.04 6.14 18.10
N SER A 107 16.14 7.11 18.24
CA SER A 107 16.50 8.52 18.07
C SER A 107 17.59 8.93 19.06
N ARG A 108 17.49 8.46 20.30
CA ARG A 108 18.47 8.77 21.32
C ARG A 108 19.84 8.22 20.93
N ALA A 109 19.86 7.00 20.40
CA ALA A 109 21.11 6.38 19.97
C ALA A 109 21.75 7.19 18.83
N LEU A 110 20.93 7.57 17.84
CA LEU A 110 21.41 8.37 16.71
C LEU A 110 21.92 9.73 17.17
N ALA A 111 21.23 10.33 18.13
CA ALA A 111 21.61 11.64 18.66
C ALA A 111 22.94 11.58 19.39
N LEU A 112 23.07 10.61 20.30
CA LEU A 112 24.31 10.43 21.05
C LEU A 112 25.47 10.16 20.11
N ASP A 113 25.22 9.36 19.08
CA ASP A 113 26.25 9.04 18.09
C ASP A 113 26.63 10.28 17.30
N GLY A 114 25.63 11.06 16.90
CA GLY A 114 25.87 12.31 16.16
C GLY A 114 26.62 13.36 16.95
N LEU A 115 26.51 13.33 18.28
CA LEU A 115 27.21 14.25 19.17
C LEU A 115 28.61 13.75 19.55
N GLY A 116 29.02 12.61 19.01
CA GLY A 116 30.34 12.05 19.30
C GLY A 116 30.43 11.30 20.63
N ARG A 117 29.28 10.96 21.19
CA ARG A 117 29.21 10.23 22.46
C ARG A 117 28.91 8.76 22.15
N GLY A 118 29.85 8.12 21.46
CA GLY A 118 29.71 6.72 21.05
C GLY A 118 29.65 5.69 22.17
N ALA A 119 30.37 5.96 23.26
CA ALA A 119 30.37 5.07 24.42
C ALA A 119 28.96 4.89 24.99
N GLU A 120 28.15 5.95 24.92
CA GLU A 120 26.78 5.91 25.42
C GLU A 120 25.79 5.47 24.35
N ALA A 121 26.12 5.73 23.09
CA ALA A 121 25.27 5.36 21.96
C ALA A 121 25.21 3.85 21.75
N MSE A 122 26.35 3.19 21.94
CA MSE A 122 26.42 1.74 21.75
C MSE A 122 25.39 0.94 22.54
O MSE A 122 24.62 0.18 21.93
CB MSE A 122 27.81 1.18 22.05
CG MSE A 122 28.66 0.91 20.83
SE MSE A 122 30.37 0.24 21.47
CE MSE A 122 30.98 -0.73 20.06
N PRO A 123 25.38 1.06 23.87
CA PRO A 123 24.35 0.34 24.62
C PRO A 123 22.91 0.66 24.20
N GLU A 124 22.65 1.88 23.72
CA GLU A 124 21.30 2.24 23.24
C GLU A 124 20.96 1.52 21.95
N PHE A 125 21.94 1.38 21.05
CA PHE A 125 21.71 0.61 19.80
C PHE A 125 21.43 -0.85 20.12
N LYS A 126 22.12 -1.40 21.14
CA LYS A 126 21.88 -2.77 21.58
C LYS A 126 20.44 -2.88 22.12
N LYS A 127 20.01 -1.86 22.88
CA LYS A 127 18.67 -1.83 23.48
C LYS A 127 17.59 -1.83 22.40
N VAL A 128 17.83 -1.14 21.29
CA VAL A 128 16.88 -1.10 20.18
C VAL A 128 16.65 -2.51 19.65
N VAL A 129 17.74 -3.24 19.43
CA VAL A 129 17.64 -4.61 18.92
C VAL A 129 16.93 -5.51 19.92
N GLU A 130 17.28 -5.39 21.21
CA GLU A 130 16.67 -6.19 22.25
C GLU A 130 15.14 -5.96 22.35
N MSE A 131 14.72 -4.70 22.23
CA MSE A 131 13.29 -4.37 22.29
C MSE A 131 12.51 -4.90 21.09
O MSE A 131 11.37 -5.33 21.24
CB MSE A 131 13.09 -2.86 22.42
CG MSE A 131 13.53 -2.33 23.77
SE MSE A 131 13.57 -0.40 23.84
CE MSE A 131 11.67 -0.02 23.69
N ILE A 132 13.13 -4.86 19.92
CA ILE A 132 12.50 -5.40 18.70
C ILE A 132 12.27 -6.90 18.86
N GLU A 133 13.24 -7.61 19.42
CA GLU A 133 13.09 -9.04 19.66
C GLU A 133 11.98 -9.30 20.66
N GLU A 134 12.04 -8.57 21.78
CA GLU A 134 11.10 -8.71 22.87
C GLU A 134 9.65 -8.42 22.47
N ARG A 135 9.47 -7.42 21.62
CA ARG A 135 8.13 -7.02 21.21
C ARG A 135 7.42 -8.08 20.35
N LYS A 136 6.26 -8.53 20.81
CA LYS A 136 5.41 -9.42 20.04
C LYS A 136 4.56 -8.42 19.24
N GLY A 137 4.56 -8.56 17.91
CA GLY A 137 3.80 -7.65 17.05
C GLY A 137 4.66 -6.95 16.02
N GLU A 138 4.04 -6.59 14.90
CA GLU A 138 4.71 -5.93 13.79
C GLU A 138 5.37 -4.62 14.23
N THR A 139 6.63 -4.42 13.82
CA THR A 139 7.37 -3.21 14.12
C THR A 139 7.93 -2.64 12.81
N PRO A 140 7.12 -1.84 12.08
CA PRO A 140 7.55 -1.27 10.81
C PRO A 140 8.89 -0.54 10.92
N GLY A 141 9.73 -0.74 9.91
CA GLY A 141 11.06 -0.13 9.87
C GLY A 141 12.11 -0.82 10.74
N LYS A 142 11.78 -1.99 11.26
CA LYS A 142 12.71 -2.73 12.12
C LYS A 142 14.00 -3.13 11.40
N GLU A 143 13.91 -3.44 10.12
CA GLU A 143 15.09 -3.86 9.36
C GLU A 143 16.06 -2.69 9.22
N ARG A 144 15.53 -1.51 8.92
CA ARG A 144 16.34 -0.30 8.79
C ARG A 144 17.10 -0.02 10.08
N MSE A 145 16.37 -0.04 11.20
CA MSE A 145 16.94 0.23 12.51
C MSE A 145 18.00 -0.77 12.94
O MSE A 145 19.07 -0.40 13.41
CB MSE A 145 15.85 0.30 13.58
CG MSE A 145 14.96 1.53 13.48
SE MSE A 145 13.68 1.68 14.97
CE MSE A 145 12.40 0.29 14.43
N MSE A 146 17.70 -2.06 12.78
CA MSE A 146 18.64 -3.11 13.16
C MSE A 146 19.94 -3.05 12.38
O MSE A 146 21.00 -3.28 12.93
CB MSE A 146 18.03 -4.49 13.02
CG MSE A 146 17.01 -4.83 14.07
SE MSE A 146 16.32 -6.63 13.83
CE MSE A 146 15.54 -6.48 12.03
N GLU A 147 19.85 -2.75 11.08
CA GLU A 147 21.05 -2.66 10.25
C GLU A 147 21.92 -1.48 10.68
N VAL A 148 21.31 -0.34 10.94
CA VAL A 148 22.04 0.82 11.41
C VAL A 148 22.70 0.48 12.76
N ALA A 149 21.92 -0.11 13.65
CA ALA A 149 22.40 -0.49 14.98
C ALA A 149 23.63 -1.39 14.92
N ILE A 150 23.55 -2.43 14.10
CA ILE A 150 24.64 -3.40 14.03
C ILE A 150 25.88 -2.82 13.33
N ASP A 151 25.68 -1.99 12.31
CA ASP A 151 26.82 -1.37 11.60
C ASP A 151 27.54 -0.38 12.50
N ARG A 152 26.80 0.42 13.26
CA ARG A 152 27.39 1.39 14.18
C ARG A 152 28.10 0.73 15.36
N ILE A 153 27.48 -0.30 15.95
CA ILE A 153 28.11 -1.04 17.06
C ILE A 153 29.48 -1.56 16.59
N ALA A 154 29.61 -1.98 15.33
CA ALA A 154 30.90 -2.46 14.81
C ALA A 154 31.90 -1.34 14.53
N GLN A 155 31.43 -0.26 13.92
CA GLN A 155 32.28 0.90 13.59
C GLN A 155 32.79 1.62 14.83
N LEU A 156 31.94 1.78 15.84
CA LEU A 156 32.32 2.41 17.11
C LEU A 156 33.32 1.53 17.86
N GLY A 157 33.14 0.20 17.78
CA GLY A 157 34.05 -0.76 18.41
C GLY A 157 35.42 -0.82 17.76
N ALA A 158 35.51 -0.37 16.51
CA ALA A 158 36.76 -0.32 15.75
C ALA A 158 37.17 1.14 15.53
N MSE B 2 -21.08 -31.08 4.52
CA MSE B 2 -20.20 -30.06 3.87
C MSE B 2 -20.88 -28.70 3.65
O MSE B 2 -20.18 -27.69 3.53
CB MSE B 2 -19.71 -30.61 2.53
CG MSE B 2 -18.53 -29.83 1.93
SE MSE B 2 -17.99 -30.53 0.18
CE MSE B 2 -17.73 -32.53 0.63
N LYS B 3 -22.21 -28.67 3.57
CA LYS B 3 -22.96 -27.41 3.38
C LYS B 3 -22.62 -26.32 4.41
N PRO B 4 -22.57 -26.65 5.73
CA PRO B 4 -22.17 -25.62 6.69
C PRO B 4 -20.84 -24.95 6.38
N LEU B 5 -19.86 -25.73 5.92
CA LEU B 5 -18.54 -25.20 5.59
C LEU B 5 -18.59 -24.32 4.33
N LYS B 6 -19.33 -24.75 3.31
CA LYS B 6 -19.51 -23.96 2.09
C LYS B 6 -20.13 -22.60 2.41
N GLU B 7 -21.06 -22.60 3.37
CA GLU B 7 -21.76 -21.39 3.79
C GLU B 7 -20.90 -20.47 4.66
N VAL B 8 -20.05 -21.04 5.51
CA VAL B 8 -19.15 -20.25 6.35
C VAL B 8 -18.22 -19.43 5.47
N VAL B 9 -17.60 -20.11 4.50
CA VAL B 9 -16.68 -19.46 3.56
C VAL B 9 -17.43 -18.47 2.68
N GLY B 10 -18.60 -18.87 2.20
CA GLY B 10 -19.41 -18.03 1.35
C GLY B 10 -19.75 -16.69 1.99
N ALA B 11 -20.12 -16.74 3.27
CA ALA B 11 -20.46 -15.55 4.03
C ALA B 11 -19.21 -14.69 4.30
N TYR B 12 -18.12 -15.33 4.69
CA TYR B 12 -16.85 -14.60 4.92
C TYR B 12 -16.36 -13.87 3.68
N LEU B 13 -16.44 -14.52 2.52
CA LEU B 13 -16.00 -13.91 1.26
C LEU B 13 -16.93 -12.77 0.83
N ALA B 14 -18.22 -12.91 1.08
CA ALA B 14 -19.17 -11.86 0.74
C ALA B 14 -18.88 -10.62 1.57
N LEU B 15 -18.58 -10.79 2.85
CA LEU B 15 -18.26 -9.67 3.73
C LEU B 15 -16.91 -9.03 3.34
N SER B 16 -15.92 -9.85 3.02
CA SER B 16 -14.60 -9.37 2.59
C SER B 16 -14.75 -8.49 1.37
N ASP B 17 -15.54 -8.96 0.41
CA ASP B 17 -15.81 -8.20 -0.81
C ASP B 17 -16.47 -6.86 -0.49
N ALA B 18 -17.46 -6.87 0.39
CA ALA B 18 -18.15 -5.65 0.80
C ALA B 18 -17.18 -4.64 1.43
N GLN B 19 -16.29 -5.12 2.29
CA GLN B 19 -15.31 -4.27 2.95
C GLN B 19 -14.36 -3.57 1.97
N ARG B 20 -13.92 -4.28 0.93
CA ARG B 20 -13.06 -3.69 -0.09
C ARG B 20 -13.84 -2.68 -0.92
N GLN B 21 -15.12 -2.99 -1.16
CA GLN B 21 -15.99 -2.09 -1.91
C GLN B 21 -16.28 -0.79 -1.15
N LEU B 22 -16.38 -0.86 0.18
CA LEU B 22 -16.57 0.34 1.00
C LEU B 22 -15.38 1.27 0.83
N VAL B 23 -14.18 0.70 0.92
CA VAL B 23 -12.95 1.46 0.74
C VAL B 23 -12.90 2.11 -0.64
N ALA B 24 -13.37 1.39 -1.65
CA ALA B 24 -13.38 1.90 -3.02
C ALA B 24 -14.53 2.85 -3.35
N GLY B 25 -15.48 3.02 -2.43
CA GLY B 25 -16.62 3.90 -2.66
C GLY B 25 -17.74 3.28 -3.47
N GLU B 26 -17.70 1.96 -3.67
CA GLU B 26 -18.78 1.27 -4.38
C GLU B 26 -19.82 0.87 -3.37
N TYR B 27 -20.57 1.85 -2.87
CA TYR B 27 -21.53 1.63 -1.81
C TYR B 27 -22.73 0.76 -2.19
N ASP B 28 -23.21 0.88 -3.42
CA ASP B 28 -24.33 0.06 -3.91
C ASP B 28 -23.97 -1.42 -3.82
N GLU B 29 -22.78 -1.77 -4.30
CA GLU B 29 -22.31 -3.15 -4.29
C GLU B 29 -22.03 -3.63 -2.87
N ALA B 30 -21.45 -2.75 -2.06
CA ALA B 30 -21.12 -3.07 -0.68
C ALA B 30 -22.35 -3.40 0.12
N ALA B 31 -23.41 -2.61 -0.05
CA ALA B 31 -24.66 -2.84 0.66
C ALA B 31 -25.24 -4.20 0.28
N ALA B 32 -25.25 -4.49 -1.02
CA ALA B 32 -25.76 -5.76 -1.52
C ALA B 32 -24.97 -6.96 -0.97
N ASN B 33 -23.64 -6.86 -0.94
CA ASN B 33 -22.82 -7.94 -0.39
C ASN B 33 -22.95 -8.14 1.12
N CYS B 34 -23.20 -7.07 1.87
CA CYS B 34 -23.43 -7.21 3.32
C CYS B 34 -24.72 -7.98 3.60
N ARG B 35 -25.77 -7.63 2.87
CA ARG B 35 -27.06 -8.31 2.98
C ARG B 35 -26.91 -9.76 2.55
N ARG B 36 -26.17 -9.97 1.47
CA ARG B 36 -25.92 -11.31 0.94
C ARG B 36 -25.13 -12.14 1.96
N ALA B 37 -24.17 -11.52 2.64
CA ALA B 37 -23.38 -12.20 3.65
C ALA B 37 -24.25 -12.72 4.80
N MSE B 38 -25.21 -11.91 5.25
CA MSE B 38 -26.12 -12.34 6.32
C MSE B 38 -27.11 -13.40 5.85
O MSE B 38 -27.41 -14.33 6.60
CB MSE B 38 -26.85 -11.15 6.93
CG MSE B 38 -25.98 -10.31 7.83
SE MSE B 38 -26.92 -8.76 8.57
CE MSE B 38 -26.93 -7.60 6.94
N GLU B 39 -27.63 -13.24 4.63
CA GLU B 39 -28.56 -14.23 4.06
C GLU B 39 -27.90 -15.61 4.09
N ILE B 40 -26.63 -15.67 3.70
CA ILE B 40 -25.89 -16.94 3.68
C ILE B 40 -25.63 -17.45 5.10
N SER B 41 -25.21 -16.56 5.99
CA SER B 41 -24.91 -16.97 7.38
C SER B 41 -26.13 -17.56 8.07
N HIS B 42 -27.32 -17.07 7.75
CA HIS B 42 -28.56 -17.59 8.35
C HIS B 42 -29.15 -18.84 7.68
N THR B 43 -28.46 -19.41 6.70
CA THR B 43 -28.89 -20.66 6.07
C THR B 43 -28.16 -21.87 6.69
N MSE B 44 -27.30 -21.62 7.68
CA MSE B 44 -26.57 -22.69 8.34
C MSE B 44 -27.46 -23.37 9.34
O MSE B 44 -28.36 -22.74 9.88
CB MSE B 44 -25.37 -22.15 9.12
CG MSE B 44 -24.35 -21.40 8.30
SE MSE B 44 -22.88 -20.86 9.45
CE MSE B 44 -22.19 -19.41 8.40
N PRO B 45 -27.20 -24.66 9.62
CA PRO B 45 -27.98 -25.30 10.66
C PRO B 45 -27.57 -24.71 12.03
N PRO B 46 -28.48 -24.73 13.01
CA PRO B 46 -28.11 -24.16 14.33
C PRO B 46 -26.97 -24.91 15.05
N GLU B 47 -26.82 -26.21 14.79
CA GLU B 47 -25.76 -27.01 15.43
C GLU B 47 -24.33 -26.79 14.89
N GLU B 48 -24.15 -25.90 13.91
CA GLU B 48 -22.81 -25.61 13.39
C GLU B 48 -22.25 -24.39 14.11
N ALA B 49 -21.05 -24.55 14.66
CA ALA B 49 -20.38 -23.47 15.42
C ALA B 49 -20.07 -22.27 14.55
N PHE B 50 -20.60 -21.11 14.93
CA PHE B 50 -20.42 -19.87 14.19
C PHE B 50 -20.90 -18.73 15.08
N ASP B 51 -20.18 -17.61 15.09
CA ASP B 51 -20.55 -16.46 15.90
C ASP B 51 -21.54 -15.59 15.13
N HIS B 52 -22.82 -15.97 15.15
CA HIS B 52 -23.86 -15.23 14.43
C HIS B 52 -24.05 -13.80 14.92
N ALA B 53 -24.03 -13.60 16.24
CA ALA B 53 -24.21 -12.28 16.82
C ALA B 53 -23.14 -11.31 16.34
N GLY B 54 -21.88 -11.74 16.47
CA GLY B 54 -20.74 -10.93 16.05
C GLY B 54 -20.69 -10.72 14.55
N PHE B 55 -20.93 -11.77 13.78
CA PHE B 55 -20.90 -11.67 12.33
C PHE B 55 -22.00 -10.73 11.81
N ASP B 56 -23.21 -10.85 12.34
CA ASP B 56 -24.30 -9.96 11.94
C ASP B 56 -23.97 -8.51 12.28
N ALA B 57 -23.32 -8.29 13.43
CA ALA B 57 -22.92 -6.94 13.84
C ALA B 57 -21.94 -6.33 12.86
N PHE B 58 -20.99 -7.14 12.40
CA PHE B 58 -19.99 -6.67 11.43
C PHE B 58 -20.67 -6.31 10.12
N CYS B 59 -21.62 -7.14 9.68
CA CYS B 59 -22.37 -6.88 8.45
C CYS B 59 -23.21 -5.61 8.56
N HIS B 60 -23.89 -5.44 9.69
CA HIS B 60 -24.72 -4.25 9.92
C HIS B 60 -23.88 -2.96 9.98
N ALA B 61 -22.67 -3.04 10.53
CA ALA B 61 -21.79 -1.87 10.58
C ALA B 61 -21.41 -1.48 9.16
N GLY B 62 -20.96 -2.46 8.38
CA GLY B 62 -20.60 -2.25 6.98
C GLY B 62 -21.78 -1.74 6.15
N LEU B 63 -22.96 -2.31 6.38
CA LEU B 63 -24.17 -1.90 5.67
C LEU B 63 -24.53 -0.46 6.00
N ALA B 64 -24.39 -0.10 7.27
CA ALA B 64 -24.69 1.27 7.72
C ALA B 64 -23.76 2.28 7.04
N GLU B 65 -22.48 1.95 6.93
CA GLU B 65 -21.53 2.83 6.28
C GLU B 65 -21.89 3.01 4.79
N ALA B 66 -22.25 1.91 4.13
CA ALA B 66 -22.63 1.95 2.72
C ALA B 66 -23.87 2.80 2.50
N LEU B 67 -24.89 2.56 3.31
CA LEU B 67 -26.15 3.30 3.20
C LEU B 67 -25.97 4.78 3.49
N ALA B 68 -25.10 5.11 4.44
CA ALA B 68 -24.78 6.50 4.76
C ALA B 68 -24.12 7.16 3.55
N GLY B 69 -23.22 6.42 2.90
CA GLY B 69 -22.54 6.87 1.68
C GLY B 69 -23.51 7.17 0.56
N LEU B 70 -24.57 6.36 0.45
CA LEU B 70 -25.60 6.56 -0.57
C LEU B 70 -26.64 7.61 -0.16
N ARG B 71 -26.52 8.14 1.05
CA ARG B 71 -27.46 9.12 1.62
C ARG B 71 -28.86 8.53 1.83
N SER B 72 -28.92 7.23 2.06
CA SER B 72 -30.14 6.52 2.36
C SER B 72 -30.12 6.42 3.90
N PHE B 73 -30.36 7.57 4.53
CA PHE B 73 -30.17 7.72 5.98
C PHE B 73 -31.13 6.94 6.88
N ASP B 74 -32.39 6.77 6.46
CA ASP B 74 -33.35 6.03 7.28
C ASP B 74 -32.88 4.58 7.46
N GLU B 75 -32.57 3.91 6.35
CA GLU B 75 -32.08 2.53 6.39
C GLU B 75 -30.72 2.44 7.10
N ALA B 76 -29.87 3.45 6.91
CA ALA B 76 -28.55 3.46 7.56
C ALA B 76 -28.68 3.50 9.08
N LEU B 77 -29.58 4.36 9.57
CA LEU B 77 -29.80 4.49 11.00
C LEU B 77 -30.22 3.17 11.63
N HIS B 78 -31.15 2.47 10.96
CA HIS B 78 -31.60 1.20 11.48
C HIS B 78 -30.52 0.13 11.49
N SER B 79 -29.69 0.12 10.45
CA SER B 79 -28.62 -0.85 10.37
C SER B 79 -27.57 -0.58 11.45
N ALA B 80 -27.24 0.69 11.66
CA ALA B 80 -26.29 1.08 12.70
C ALA B 80 -26.79 0.71 14.10
N ASP B 81 -28.09 0.92 14.35
CA ASP B 81 -28.67 0.57 15.64
C ASP B 81 -28.57 -0.92 15.92
N LYS B 82 -28.78 -1.75 14.91
CA LYS B 82 -28.65 -3.20 15.07
C LYS B 82 -27.21 -3.59 15.41
N ALA B 83 -26.24 -2.89 14.82
CA ALA B 83 -24.83 -3.16 15.12
C ALA B 83 -24.49 -2.71 16.54
N LEU B 84 -24.97 -1.52 16.91
CA LEU B 84 -24.71 -0.96 18.24
C LEU B 84 -25.39 -1.75 19.37
N HIS B 85 -26.50 -2.42 19.07
CA HIS B 85 -27.18 -3.23 20.08
C HIS B 85 -26.22 -4.34 20.55
N TYR B 86 -25.40 -4.85 19.63
CA TYR B 86 -24.39 -5.85 19.93
C TYR B 86 -23.16 -5.24 20.59
N PHE B 87 -22.60 -4.20 20.01
CA PHE B 87 -21.39 -3.58 20.54
C PHE B 87 -21.52 -3.00 21.94
N ASN B 88 -22.69 -2.45 22.28
CA ASN B 88 -22.89 -1.91 23.62
C ASN B 88 -22.93 -3.01 24.68
N ARG B 89 -23.37 -4.21 24.29
CA ARG B 89 -23.44 -5.35 25.20
C ARG B 89 -22.12 -6.14 25.25
N ARG B 90 -21.65 -6.64 24.10
CA ARG B 90 -20.45 -7.50 24.06
C ARG B 90 -19.24 -6.93 23.30
N GLY B 91 -19.21 -5.62 23.06
CA GLY B 91 -18.12 -4.99 22.30
C GLY B 91 -16.85 -4.75 23.10
N GLU B 92 -15.72 -4.87 22.41
CA GLU B 92 -14.38 -4.63 23.00
C GLU B 92 -13.68 -3.57 22.12
N LEU B 93 -13.57 -2.37 22.68
CA LEU B 93 -13.00 -1.22 21.98
C LEU B 93 -11.55 -1.36 21.53
N ASN B 94 -10.72 -2.05 22.31
CA ASN B 94 -9.30 -2.20 21.98
C ASN B 94 -8.93 -3.43 21.14
N GLN B 95 -9.91 -4.05 20.49
CA GLN B 95 -9.66 -5.18 19.60
C GLN B 95 -10.04 -4.71 18.21
N ASP B 96 -9.67 -5.47 17.18
CA ASP B 96 -10.01 -5.10 15.79
C ASP B 96 -11.48 -4.70 15.66
N GLU B 97 -12.33 -5.46 16.36
CA GLU B 97 -13.77 -5.17 16.52
C GLU B 97 -14.10 -3.71 16.75
N GLY B 98 -13.30 -3.08 17.60
CA GLY B 98 -13.49 -1.68 17.96
C GLY B 98 -13.55 -0.71 16.79
N LYS B 99 -12.84 -1.02 15.70
CA LYS B 99 -12.87 -0.17 14.51
C LYS B 99 -14.28 -0.16 13.92
N LEU B 100 -14.95 -1.31 13.93
CA LEU B 100 -16.32 -1.39 13.43
C LEU B 100 -17.32 -0.73 14.39
N TRP B 101 -17.01 -0.77 15.69
CA TRP B 101 -17.87 -0.13 16.70
C TRP B 101 -17.89 1.37 16.39
N ILE B 102 -16.70 1.96 16.30
CA ILE B 102 -16.56 3.39 16.02
C ILE B 102 -17.25 3.74 14.71
N SER B 103 -17.08 2.89 13.69
CA SER B 103 -17.73 3.10 12.40
C SER B 103 -19.26 3.18 12.52
N ALA B 104 -19.84 2.27 13.30
CA ALA B 104 -21.29 2.25 13.50
C ALA B 104 -21.80 3.50 14.22
N VAL B 105 -21.03 3.99 15.19
CA VAL B 105 -21.39 5.21 15.91
C VAL B 105 -21.32 6.41 14.98
N TYR B 106 -20.29 6.43 14.12
CA TYR B 106 -20.13 7.48 13.12
C TYR B 106 -21.26 7.47 12.10
N SER B 107 -21.61 6.28 11.61
CA SER B 107 -22.74 6.14 10.67
C SER B 107 -24.05 6.62 11.31
N ARG B 108 -24.23 6.32 12.59
CA ARG B 108 -25.41 6.75 13.30
C ARG B 108 -25.49 8.28 13.36
N ALA B 109 -24.35 8.92 13.63
CA ALA B 109 -24.29 10.37 13.70
C ALA B 109 -24.62 10.98 12.33
N LEU B 110 -24.02 10.45 11.27
CA LEU B 110 -24.29 10.94 9.92
C LEU B 110 -25.74 10.73 9.51
N ALA B 111 -26.32 9.60 9.92
CA ALA B 111 -27.71 9.30 9.59
C ALA B 111 -28.67 10.25 10.31
N LEU B 112 -28.47 10.44 11.61
CA LEU B 112 -29.29 11.36 12.39
C LEU B 112 -29.20 12.78 11.83
N ASP B 113 -27.98 13.18 11.45
CA ASP B 113 -27.75 14.50 10.89
C ASP B 113 -28.46 14.63 9.55
N GLY B 114 -28.34 13.60 8.71
CA GLY B 114 -29.01 13.57 7.41
C GLY B 114 -30.53 13.60 7.47
N LEU B 115 -31.10 13.09 8.56
CA LEU B 115 -32.55 13.12 8.77
C LEU B 115 -33.03 14.40 9.46
N GLY B 116 -32.12 15.34 9.70
CA GLY B 116 -32.48 16.62 10.33
C GLY B 116 -32.64 16.55 11.82
N ARG B 117 -32.09 15.50 12.43
CA ARG B 117 -32.15 15.30 13.88
C ARG B 117 -30.79 15.66 14.48
N GLY B 118 -30.43 16.93 14.34
CA GLY B 118 -29.14 17.44 14.81
C GLY B 118 -28.92 17.42 16.30
N ALA B 119 -30.00 17.62 17.08
CA ALA B 119 -29.89 17.58 18.54
C ALA B 119 -29.40 16.22 19.04
N GLU B 120 -29.75 15.15 18.32
CA GLU B 120 -29.33 13.79 18.66
C GLU B 120 -28.01 13.43 18.01
N ALA B 121 -27.72 14.02 16.85
CA ALA B 121 -26.49 13.75 16.11
C ALA B 121 -25.27 14.31 16.80
N MSE B 122 -25.43 15.48 17.41
CA MSE B 122 -24.37 16.17 18.13
C MSE B 122 -23.65 15.31 19.17
O MSE B 122 -22.42 15.13 19.06
CB MSE B 122 -25.01 17.43 18.77
CG MSE B 122 -24.25 18.09 19.92
SE MSE B 122 -22.62 18.91 19.33
CE MSE B 122 -23.33 20.57 18.70
N PRO B 123 -24.37 14.80 20.18
CA PRO B 123 -23.69 13.94 21.15
C PRO B 123 -23.04 12.69 20.54
N GLU B 124 -23.58 12.17 19.43
CA GLU B 124 -22.96 11.01 18.77
C GLU B 124 -21.63 11.40 18.12
N PHE B 125 -21.55 12.58 17.51
CA PHE B 125 -20.29 13.05 16.94
C PHE B 125 -19.23 13.21 18.04
N LYS B 126 -19.66 13.71 19.20
CA LYS B 126 -18.76 13.84 20.35
C LYS B 126 -18.28 12.47 20.79
N LYS B 127 -19.18 11.49 20.79
CA LYS B 127 -18.84 10.12 21.19
C LYS B 127 -17.81 9.49 20.25
N VAL B 128 -17.88 9.80 18.96
CA VAL B 128 -16.91 9.30 17.98
C VAL B 128 -15.51 9.78 18.37
N VAL B 129 -15.39 11.07 18.67
CA VAL B 129 -14.11 11.65 19.06
C VAL B 129 -13.59 11.04 20.35
N GLU B 130 -14.47 10.89 21.33
CA GLU B 130 -14.11 10.31 22.61
C GLU B 130 -13.60 8.88 22.49
N MSE B 131 -14.25 8.09 21.64
CA MSE B 131 -13.86 6.70 21.42
C MSE B 131 -12.51 6.58 20.72
O MSE B 131 -11.72 5.68 21.04
CB MSE B 131 -14.96 5.95 20.67
CG MSE B 131 -16.21 5.76 21.50
SE MSE B 131 -17.69 5.12 20.44
CE MSE B 131 -17.10 3.28 20.13
N ILE B 132 -12.25 7.46 19.77
CA ILE B 132 -10.98 7.50 19.06
C ILE B 132 -9.83 7.78 20.03
N GLU B 133 -10.05 8.73 20.94
CA GLU B 133 -9.08 9.04 21.99
C GLU B 133 -8.84 7.85 22.89
N GLU B 134 -9.93 7.27 23.38
CA GLU B 134 -9.89 6.12 24.30
C GLU B 134 -9.19 4.90 23.72
N ARG B 135 -9.45 4.64 22.44
CA ARG B 135 -8.89 3.46 21.80
C ARG B 135 -7.37 3.50 21.68
N LYS B 136 -6.72 2.49 22.26
CA LYS B 136 -5.29 2.30 22.11
C LYS B 136 -5.22 1.45 20.84
N GLY B 137 -4.47 1.91 19.83
CA GLY B 137 -4.36 1.19 18.57
C GLY B 137 -4.80 1.99 17.36
N GLU B 138 -4.19 1.68 16.22
CA GLU B 138 -4.44 2.38 14.96
C GLU B 138 -5.92 2.33 14.59
N THR B 139 -6.47 3.49 14.22
CA THR B 139 -7.86 3.61 13.80
C THR B 139 -7.90 4.28 12.43
N PRO B 140 -7.76 3.51 11.34
CA PRO B 140 -7.77 4.07 9.98
C PRO B 140 -8.98 4.95 9.71
N GLY B 141 -8.74 6.08 9.05
CA GLY B 141 -9.80 7.04 8.72
C GLY B 141 -10.21 7.95 9.87
N LYS B 142 -9.46 7.94 10.97
CA LYS B 142 -9.81 8.74 12.13
C LYS B 142 -9.77 10.24 11.85
N GLU B 143 -8.87 10.65 10.97
CA GLU B 143 -8.73 12.06 10.64
C GLU B 143 -9.98 12.56 9.91
N ARG B 144 -10.45 11.75 8.96
CA ARG B 144 -11.65 12.05 8.20
C ARG B 144 -12.85 12.21 9.12
N MSE B 145 -13.04 11.25 10.02
CA MSE B 145 -14.16 11.26 10.96
C MSE B 145 -14.13 12.43 11.93
O MSE B 145 -15.15 13.09 12.14
CB MSE B 145 -14.22 9.95 11.74
CG MSE B 145 -14.67 8.75 10.92
SE MSE B 145 -14.87 7.13 12.01
CE MSE B 145 -12.96 6.77 12.41
N MSE B 146 -12.96 12.67 12.52
CA MSE B 146 -12.83 13.75 13.50
C MSE B 146 -13.11 15.12 12.88
O MSE B 146 -13.73 15.96 13.53
CB MSE B 146 -11.46 13.74 14.15
CG MSE B 146 -11.28 12.60 15.13
SE MSE B 146 -9.53 12.62 15.96
CE MSE B 146 -8.36 12.54 14.40
N GLU B 147 -12.66 15.33 11.66
CA GLU B 147 -12.88 16.61 10.99
C GLU B 147 -14.36 16.82 10.68
N VAL B 148 -15.04 15.78 10.23
CA VAL B 148 -16.48 15.88 9.98
C VAL B 148 -17.20 16.16 11.30
N ALA B 149 -16.83 15.41 12.34
CA ALA B 149 -17.43 15.55 13.65
C ALA B 149 -17.32 16.98 14.19
N ILE B 150 -16.12 17.53 14.13
CA ILE B 150 -15.87 18.86 14.68
C ILE B 150 -16.55 19.95 13.83
N ASP B 151 -16.57 19.79 12.52
CA ASP B 151 -17.23 20.76 11.64
C ASP B 151 -18.74 20.76 11.86
N ARG B 152 -19.35 19.59 11.97
CA ARG B 152 -20.82 19.51 12.19
C ARG B 152 -21.20 20.01 13.56
N ILE B 153 -20.44 19.63 14.59
CA ILE B 153 -20.68 20.09 15.96
C ILE B 153 -20.67 21.63 16.01
N ALA B 154 -19.60 22.21 15.46
CA ALA B 154 -19.40 23.65 15.43
C ALA B 154 -20.49 24.37 14.64
N GLN B 155 -20.93 23.77 13.53
CA GLN B 155 -22.01 24.34 12.72
C GLN B 155 -23.34 24.26 13.47
N LEU B 156 -23.63 23.09 14.04
CA LEU B 156 -24.87 22.86 14.81
C LEU B 156 -25.03 23.80 16.00
N GLY B 157 -23.91 24.14 16.67
CA GLY B 157 -23.93 25.04 17.84
C GLY B 157 -23.63 26.52 17.63
N ALA B 158 -23.47 26.95 16.39
CA ALA B 158 -23.19 28.36 16.10
C ALA B 158 -24.49 29.17 16.07
N MSE C 2 29.59 -9.52 21.25
CA MSE C 2 29.09 -8.82 20.04
C MSE C 2 28.70 -9.75 18.90
O MSE C 2 27.64 -9.55 18.28
CB MSE C 2 30.14 -7.87 19.50
CG MSE C 2 29.88 -7.43 18.07
SE MSE C 2 31.09 -6.05 17.56
CE MSE C 2 32.88 -6.87 18.15
N LYS C 3 29.56 -10.71 18.57
CA LYS C 3 29.27 -11.69 17.52
C LYS C 3 27.86 -12.28 17.69
N PRO C 4 27.47 -12.67 18.92
CA PRO C 4 26.09 -13.09 19.16
C PRO C 4 25.02 -12.11 18.63
N LEU C 5 25.22 -10.81 18.84
CA LEU C 5 24.27 -9.79 18.38
C LEU C 5 24.26 -9.67 16.86
N LYS C 6 25.43 -9.82 16.22
CA LYS C 6 25.53 -9.79 14.75
C LYS C 6 24.73 -10.95 14.14
N GLU C 7 24.78 -12.10 14.79
CA GLU C 7 24.07 -13.29 14.35
C GLU C 7 22.55 -13.14 14.55
N VAL C 8 22.14 -12.46 15.62
CA VAL C 8 20.73 -12.22 15.88
C VAL C 8 20.13 -11.38 14.76
N VAL C 9 20.80 -10.28 14.43
CA VAL C 9 20.35 -9.39 13.38
C VAL C 9 20.44 -10.07 12.02
N GLY C 10 21.52 -10.81 11.79
CA GLY C 10 21.71 -11.52 10.53
C GLY C 10 20.57 -12.48 10.23
N ALA C 11 20.15 -13.22 11.26
CA ALA C 11 19.05 -14.18 11.15
C ALA C 11 17.72 -13.48 10.93
N TYR C 12 17.47 -12.43 11.70
CA TYR C 12 16.24 -11.65 11.55
C TYR C 12 16.09 -11.05 10.15
N LEU C 13 17.17 -10.49 9.62
CA LEU C 13 17.14 -9.89 8.29
C LEU C 13 16.98 -10.95 7.21
N ALA C 14 17.57 -12.13 7.40
CA ALA C 14 17.43 -13.22 6.45
C ALA C 14 15.97 -13.66 6.37
N LEU C 15 15.31 -13.76 7.53
CA LEU C 15 13.90 -14.14 7.57
C LEU C 15 13.00 -13.05 6.99
N SER C 16 13.28 -11.80 7.29
CA SER C 16 12.50 -10.68 6.72
C SER C 16 12.57 -10.69 5.21
N ASP C 17 13.76 -10.91 4.67
CA ASP C 17 13.95 -10.99 3.22
C ASP C 17 13.11 -12.12 2.66
N ALA C 18 13.16 -13.29 3.30
CA ALA C 18 12.38 -14.44 2.86
C ALA C 18 10.89 -14.12 2.81
N GLN C 19 10.39 -13.48 3.86
CA GLN C 19 8.98 -13.13 3.96
C GLN C 19 8.51 -12.21 2.83
N ARG C 20 9.33 -11.24 2.45
CA ARG C 20 8.98 -10.36 1.32
C ARG C 20 9.01 -11.15 0.01
N GLN C 21 9.98 -12.05 -0.10
CA GLN C 21 10.12 -12.89 -1.28
C GLN C 21 8.93 -13.83 -1.47
N LEU C 22 8.39 -14.34 -0.37
CA LEU C 22 7.20 -15.19 -0.43
C LEU C 22 6.03 -14.42 -1.03
N VAL C 23 5.81 -13.20 -0.55
CA VAL C 23 4.76 -12.34 -1.05
C VAL C 23 4.95 -12.05 -2.54
N ALA C 24 6.21 -11.88 -2.96
CA ALA C 24 6.53 -11.60 -4.35
C ALA C 24 6.52 -12.82 -5.26
N GLY C 25 6.38 -14.01 -4.68
CA GLY C 25 6.37 -15.25 -5.45
C GLY C 25 7.76 -15.77 -5.84
N GLU C 26 8.81 -15.22 -5.21
CA GLU C 26 10.18 -15.65 -5.45
C GLU C 26 10.47 -16.79 -4.47
N TYR C 27 9.85 -17.93 -4.73
CA TYR C 27 9.94 -19.06 -3.80
C TYR C 27 11.31 -19.70 -3.67
N ASP C 28 12.06 -19.77 -4.77
CA ASP C 28 13.40 -20.34 -4.73
C ASP C 28 14.29 -19.53 -3.78
N GLU C 29 14.23 -18.21 -3.89
CA GLU C 29 15.01 -17.29 -3.07
C GLU C 29 14.54 -17.34 -1.62
N ALA C 30 13.23 -17.38 -1.42
CA ALA C 30 12.63 -17.44 -0.09
C ALA C 30 13.08 -18.69 0.67
N ALA C 31 13.07 -19.83 -0.02
CA ALA C 31 13.47 -21.09 0.57
C ALA C 31 14.93 -21.02 1.04
N ALA C 32 15.79 -20.50 0.17
CA ALA C 32 17.20 -20.36 0.51
C ALA C 32 17.42 -19.44 1.72
N ASN C 33 16.72 -18.32 1.77
CA ASN C 33 16.83 -17.39 2.91
C ASN C 33 16.30 -17.95 4.22
N CYS C 34 15.26 -18.78 4.17
CA CYS C 34 14.75 -19.43 5.39
C CYS C 34 15.78 -20.38 5.97
N ARG C 35 16.37 -21.21 5.10
CA ARG C 35 17.41 -22.13 5.53
C ARG C 35 18.61 -21.37 6.05
N ARG C 36 18.95 -20.27 5.36
CA ARG C 36 20.08 -19.45 5.76
C ARG C 36 19.84 -18.78 7.13
N ALA C 37 18.59 -18.36 7.37
CA ALA C 37 18.23 -17.75 8.65
C ALA C 37 18.42 -18.72 9.82
N MSE C 38 18.05 -19.98 9.62
CA MSE C 38 18.25 -20.99 10.66
C MSE C 38 19.71 -21.34 10.84
O MSE C 38 20.16 -21.48 11.97
CB MSE C 38 17.45 -22.25 10.39
CG MSE C 38 16.00 -22.12 10.78
SE MSE C 38 15.02 -23.78 10.45
CE MSE C 38 14.97 -23.70 8.42
N GLU C 39 20.44 -21.48 9.73
CA GLU C 39 21.88 -21.79 9.79
C GLU C 39 22.59 -20.73 10.65
N ILE C 40 22.22 -19.47 10.49
CA ILE C 40 22.81 -18.38 11.29
C ILE C 40 22.35 -18.42 12.75
N SER C 41 21.06 -18.67 12.97
CA SER C 41 20.53 -18.73 14.34
C SER C 41 21.20 -19.84 15.17
N HIS C 42 21.56 -20.95 14.52
CA HIS C 42 22.21 -22.06 15.21
C HIS C 42 23.73 -21.91 15.39
N THR C 43 24.31 -20.78 14.99
CA THR C 43 25.74 -20.53 15.21
C THR C 43 25.95 -19.70 16.48
N MSE C 44 24.87 -19.34 17.17
CA MSE C 44 24.99 -18.57 18.41
C MSE C 44 25.42 -19.46 19.55
O MSE C 44 25.11 -20.65 19.53
CB MSE C 44 23.66 -17.96 18.85
CG MSE C 44 23.01 -17.04 17.90
SE MSE C 44 21.34 -16.40 18.68
CE MSE C 44 20.55 -15.76 17.03
N PRO C 45 26.10 -18.89 20.55
CA PRO C 45 26.41 -19.70 21.72
C PRO C 45 25.11 -19.98 22.48
N PRO C 46 25.07 -21.07 23.26
CA PRO C 46 23.82 -21.41 23.98
C PRO C 46 23.46 -20.39 25.05
N GLU C 47 24.46 -19.74 25.64
CA GLU C 47 24.24 -18.73 26.70
C GLU C 47 23.67 -17.36 26.23
N GLU C 48 23.42 -17.19 24.93
CA GLU C 48 22.85 -15.93 24.44
C GLU C 48 21.32 -16.09 24.34
N ALA C 49 20.59 -15.17 24.96
CA ALA C 49 19.13 -15.20 24.98
C ALA C 49 18.54 -15.04 23.59
N PHE C 50 17.76 -16.03 23.17
CA PHE C 50 17.12 -16.04 21.87
C PHE C 50 16.07 -17.15 21.86
N ASP C 51 14.92 -16.91 21.25
CA ASP C 51 13.87 -17.92 21.18
C ASP C 51 14.07 -18.82 19.97
N HIS C 52 14.93 -19.82 20.12
CA HIS C 52 15.24 -20.74 19.03
C HIS C 52 14.04 -21.56 18.56
N ALA C 53 13.24 -22.05 19.51
CA ALA C 53 12.07 -22.86 19.18
C ALA C 53 11.09 -22.08 18.30
N GLY C 54 10.75 -20.87 18.74
CA GLY C 54 9.83 -20.00 18.00
C GLY C 54 10.40 -19.55 16.67
N PHE C 55 11.68 -19.13 16.68
CA PHE C 55 12.33 -18.66 15.46
C PHE C 55 12.41 -19.77 14.42
N ASP C 56 12.80 -20.98 14.82
CA ASP C 56 12.86 -22.11 13.91
C ASP C 56 11.48 -22.43 13.33
N ALA C 57 10.44 -22.29 14.15
CA ALA C 57 9.07 -22.55 13.70
C ALA C 57 8.66 -21.55 12.62
N PHE C 58 9.03 -20.29 12.80
CA PHE C 58 8.68 -19.27 11.81
C PHE C 58 9.41 -19.55 10.51
N CYS C 59 10.67 -19.95 10.59
CA CYS C 59 11.45 -20.28 9.40
C CYS C 59 10.86 -21.49 8.67
N HIS C 60 10.49 -22.53 9.43
CA HIS C 60 9.91 -23.73 8.84
C HIS C 60 8.55 -23.46 8.20
N ALA C 61 7.77 -22.55 8.77
CA ALA C 61 6.48 -22.18 8.18
C ALA C 61 6.71 -21.51 6.84
N GLY C 62 7.62 -20.53 6.82
CA GLY C 62 7.99 -19.82 5.61
C GLY C 62 8.56 -20.77 4.55
N LEU C 63 9.42 -21.67 4.99
CA LEU C 63 10.04 -22.64 4.09
C LEU C 63 8.99 -23.57 3.46
N ALA C 64 8.03 -24.00 4.27
CA ALA C 64 6.95 -24.88 3.78
C ALA C 64 6.13 -24.18 2.70
N GLU C 65 5.81 -22.90 2.91
CA GLU C 65 5.06 -22.14 1.95
C GLU C 65 5.83 -22.02 0.64
N ALA C 66 7.13 -21.74 0.72
CA ALA C 66 7.98 -21.62 -0.47
C ALA C 66 8.06 -22.94 -1.23
N LEU C 67 8.32 -24.03 -0.52
CA LEU C 67 8.42 -25.35 -1.14
C LEU C 67 7.09 -25.80 -1.76
N ALA C 68 5.98 -25.44 -1.13
CA ALA C 68 4.66 -25.76 -1.68
C ALA C 68 4.48 -25.00 -3.00
N GLY C 69 4.93 -23.74 -3.02
CA GLY C 69 4.86 -22.90 -4.21
C GLY C 69 5.66 -23.48 -5.37
N LEU C 70 6.80 -24.08 -5.06
CA LEU C 70 7.65 -24.71 -6.06
C LEU C 70 7.15 -26.11 -6.43
N ARG C 71 6.12 -26.59 -5.75
CA ARG C 71 5.56 -27.94 -5.95
C ARG C 71 6.57 -29.05 -5.56
N SER C 72 7.42 -28.74 -4.58
CA SER C 72 8.35 -29.71 -4.00
C SER C 72 7.63 -30.14 -2.72
N PHE C 73 6.61 -30.96 -2.91
CA PHE C 73 5.70 -31.34 -1.82
C PHE C 73 6.27 -32.21 -0.71
N ASP C 74 7.19 -33.12 -1.02
CA ASP C 74 7.80 -33.95 0.02
C ASP C 74 8.53 -33.09 1.04
N GLU C 75 9.41 -32.23 0.56
CA GLU C 75 10.17 -31.34 1.43
C GLU C 75 9.25 -30.37 2.17
N ALA C 76 8.22 -29.90 1.48
CA ALA C 76 7.24 -28.98 2.08
C ALA C 76 6.52 -29.60 3.26
N LEU C 77 6.07 -30.83 3.09
CA LEU C 77 5.37 -31.54 4.14
C LEU C 77 6.23 -31.66 5.41
N HIS C 78 7.50 -32.02 5.22
CA HIS C 78 8.43 -32.16 6.34
C HIS C 78 8.67 -30.85 7.06
N SER C 79 8.79 -29.76 6.30
CA SER C 79 9.02 -28.48 6.91
C SER C 79 7.79 -28.03 7.68
N ALA C 80 6.61 -28.22 7.11
CA ALA C 80 5.35 -27.87 7.77
C ALA C 80 5.18 -28.64 9.07
N ASP C 81 5.48 -29.93 9.05
CA ASP C 81 5.37 -30.76 10.26
C ASP C 81 6.26 -30.26 11.39
N LYS C 82 7.48 -29.81 11.05
CA LYS C 82 8.40 -29.25 12.04
C LYS C 82 7.85 -27.96 12.64
N ALA C 83 7.18 -27.15 11.83
CA ALA C 83 6.55 -25.92 12.32
C ALA C 83 5.35 -26.25 13.23
N LEU C 84 4.54 -27.20 12.80
CA LEU C 84 3.35 -27.60 13.54
C LEU C 84 3.66 -28.30 14.85
N HIS C 85 4.81 -28.95 14.94
CA HIS C 85 5.23 -29.59 16.18
C HIS C 85 5.36 -28.54 17.29
N TYR C 86 5.81 -27.34 16.92
CA TYR C 86 5.91 -26.22 17.86
C TYR C 86 4.55 -25.57 18.11
N PHE C 87 3.83 -25.22 17.04
CA PHE C 87 2.55 -24.53 17.17
C PHE C 87 1.48 -25.32 17.95
N ASN C 88 1.47 -26.64 17.81
CA ASN C 88 0.51 -27.47 18.54
C ASN C 88 0.82 -27.46 20.04
N ARG C 89 2.09 -27.30 20.40
CA ARG C 89 2.50 -27.27 21.81
C ARG C 89 2.43 -25.87 22.43
N ARG C 90 3.13 -24.91 21.83
CA ARG C 90 3.22 -23.54 22.39
C ARG C 90 2.63 -22.42 21.52
N GLY C 91 1.77 -22.76 20.57
CA GLY C 91 1.17 -21.76 19.66
C GLY C 91 0.01 -20.98 20.24
N GLU C 92 -0.11 -19.71 19.84
CA GLU C 92 -1.19 -18.82 20.26
C GLU C 92 -1.87 -18.26 19.00
N LEU C 93 -3.08 -18.74 18.73
CA LEU C 93 -3.81 -18.40 17.50
C LEU C 93 -4.16 -16.92 17.34
N ASN C 94 -4.45 -16.23 18.44
CA ASN C 94 -4.84 -14.81 18.36
C ASN C 94 -3.69 -13.79 18.46
N GLN C 95 -2.45 -14.24 18.23
CA GLN C 95 -1.28 -13.37 18.21
C GLN C 95 -0.80 -13.36 16.78
N ASP C 96 0.11 -12.45 16.42
CA ASP C 96 0.66 -12.42 15.05
C ASP C 96 1.14 -13.80 14.62
N GLU C 97 1.76 -14.51 15.57
CA GLU C 97 2.20 -15.89 15.43
C GLU C 97 1.16 -16.80 14.77
N GLY C 98 -0.12 -16.59 15.10
CA GLY C 98 -1.23 -17.36 14.54
C GLY C 98 -1.34 -17.35 13.03
N LYS C 99 -0.90 -16.27 12.40
CA LYS C 99 -0.90 -16.19 10.94
C LYS C 99 0.03 -17.22 10.34
N LEU C 100 1.18 -17.45 10.98
CA LEU C 100 2.14 -18.47 10.53
C LEU C 100 1.65 -19.89 10.85
N TRP C 101 0.89 -20.05 11.93
CA TRP C 101 0.34 -21.34 12.30
C TRP C 101 -0.61 -21.76 11.17
N ILE C 102 -1.55 -20.89 10.84
CA ILE C 102 -2.52 -21.13 9.77
C ILE C 102 -1.82 -21.44 8.46
N SER C 103 -0.77 -20.68 8.17
CA SER C 103 0.03 -20.89 6.96
C SER C 103 0.60 -22.30 6.91
N ALA C 104 1.17 -22.76 8.02
CA ALA C 104 1.77 -24.10 8.08
C ALA C 104 0.73 -25.20 7.87
N VAL C 105 -0.47 -25.01 8.41
CA VAL C 105 -1.56 -25.98 8.25
C VAL C 105 -1.98 -26.02 6.78
N TYR C 106 -2.06 -24.85 6.16
CA TYR C 106 -2.41 -24.74 4.75
C TYR C 106 -1.35 -25.40 3.87
N SER C 107 -0.08 -25.13 4.15
CA SER C 107 1.03 -25.75 3.41
C SER C 107 0.98 -27.29 3.53
N ARG C 108 0.66 -27.77 4.73
CA ARG C 108 0.54 -29.22 4.95
C ARG C 108 -0.59 -29.80 4.09
N ALA C 109 -1.72 -29.10 4.02
CA ALA C 109 -2.85 -29.55 3.21
C ALA C 109 -2.47 -29.60 1.73
N LEU C 110 -1.82 -28.55 1.25
CA LEU C 110 -1.36 -28.50 -0.14
C LEU C 110 -0.35 -29.58 -0.46
N ALA C 111 0.55 -29.86 0.49
CA ALA C 111 1.58 -30.87 0.32
C ALA C 111 0.98 -32.27 0.26
N LEU C 112 0.09 -32.58 1.19
CA LEU C 112 -0.59 -33.87 1.20
C LEU C 112 -1.38 -34.09 -0.07
N ASP C 113 -2.04 -33.02 -0.52
CA ASP C 113 -2.84 -33.05 -1.74
C ASP C 113 -1.93 -33.30 -2.94
N GLY C 114 -0.81 -32.59 -3.00
CA GLY C 114 0.16 -32.74 -4.07
C GLY C 114 0.81 -34.12 -4.14
N LEU C 115 0.91 -34.80 -3.01
CA LEU C 115 1.48 -36.16 -2.94
C LEU C 115 0.44 -37.24 -3.20
N GLY C 116 -0.81 -36.84 -3.51
CA GLY C 116 -1.87 -37.80 -3.79
C GLY C 116 -2.52 -38.39 -2.55
N ARG C 117 -2.30 -37.77 -1.40
CA ARG C 117 -2.87 -38.23 -0.13
C ARG C 117 -4.06 -37.35 0.23
N GLY C 118 -5.09 -37.42 -0.61
CA GLY C 118 -6.31 -36.62 -0.46
C GLY C 118 -7.13 -36.92 0.77
N ALA C 119 -7.15 -38.17 1.21
CA ALA C 119 -7.90 -38.56 2.41
C ALA C 119 -7.40 -37.82 3.65
N GLU C 120 -6.10 -37.52 3.69
CA GLU C 120 -5.50 -36.78 4.81
C GLU C 120 -5.51 -35.27 4.58
N ALA C 121 -5.50 -34.87 3.31
CA ALA C 121 -5.52 -33.45 2.95
C ALA C 121 -6.85 -32.78 3.26
N MSE C 122 -7.94 -33.51 3.06
CA MSE C 122 -9.28 -32.96 3.30
C MSE C 122 -9.50 -32.42 4.70
O MSE C 122 -9.91 -31.27 4.84
CB MSE C 122 -10.39 -33.95 3.03
CG MSE C 122 -10.71 -34.13 1.58
SE MSE C 122 -12.42 -35.03 1.40
CE MSE C 122 -12.35 -36.30 2.90
N PRO C 123 -9.27 -33.25 5.75
CA PRO C 123 -9.45 -32.70 7.08
C PRO C 123 -8.54 -31.50 7.39
N GLU C 124 -7.36 -31.43 6.77
CA GLU C 124 -6.47 -30.28 6.96
C GLU C 124 -7.06 -29.04 6.32
N PHE C 125 -7.63 -29.15 5.12
CA PHE C 125 -8.28 -28.01 4.48
C PHE C 125 -9.45 -27.52 5.34
N LYS C 126 -10.19 -28.44 5.95
CA LYS C 126 -11.29 -28.07 6.85
C LYS C 126 -10.74 -27.31 8.06
N LYS C 127 -9.60 -27.77 8.58
CA LYS C 127 -8.96 -27.14 9.74
C LYS C 127 -8.51 -25.71 9.43
N VAL C 128 -8.08 -25.46 8.20
CA VAL C 128 -7.67 -24.12 7.78
C VAL C 128 -8.85 -23.15 7.91
N VAL C 129 -10.01 -23.58 7.40
CA VAL C 129 -11.22 -22.77 7.45
C VAL C 129 -11.66 -22.55 8.89
N GLU C 130 -11.63 -23.60 9.70
CA GLU C 130 -12.04 -23.51 11.10
C GLU C 130 -11.15 -22.53 11.89
N MSE C 131 -9.85 -22.56 11.63
CA MSE C 131 -8.91 -21.66 12.32
C MSE C 131 -9.09 -20.20 11.92
O MSE C 131 -8.95 -19.30 12.75
CB MSE C 131 -7.46 -22.09 12.05
CG MSE C 131 -7.11 -23.40 12.71
SE MSE C 131 -5.39 -24.03 12.08
CE MSE C 131 -4.22 -22.82 13.09
N ILE C 132 -9.38 -19.96 10.64
CA ILE C 132 -9.61 -18.60 10.16
C ILE C 132 -10.86 -18.02 10.83
N GLU C 133 -11.89 -18.84 10.99
CA GLU C 133 -13.12 -18.45 11.66
C GLU C 133 -12.83 -18.13 13.13
N GLU C 134 -12.15 -19.05 13.79
CA GLU C 134 -11.80 -18.97 15.21
C GLU C 134 -10.92 -17.76 15.54
N ARG C 135 -9.98 -17.46 14.66
CA ARG C 135 -9.07 -16.35 14.89
C ARG C 135 -9.74 -14.97 14.89
N LYS C 136 -9.60 -14.25 16.01
CA LYS C 136 -10.06 -12.86 16.09
C LYS C 136 -8.83 -12.11 15.59
N GLY C 137 -9.01 -11.27 14.57
CA GLY C 137 -7.90 -10.51 13.99
C GLY C 137 -7.68 -10.78 12.51
N GLU C 138 -7.16 -9.76 11.83
CA GLU C 138 -6.94 -9.78 10.39
C GLU C 138 -6.04 -10.95 10.00
N THR C 139 -6.43 -11.71 8.98
CA THR C 139 -5.64 -12.85 8.47
C THR C 139 -5.43 -12.64 6.97
N PRO C 140 -4.39 -11.89 6.58
CA PRO C 140 -4.12 -11.65 5.15
C PRO C 140 -4.07 -12.93 4.31
N GLY C 141 -4.69 -12.89 3.14
CA GLY C 141 -4.72 -14.04 2.23
C GLY C 141 -5.76 -15.10 2.57
N LYS C 142 -6.65 -14.78 3.50
CA LYS C 142 -7.69 -15.67 3.96
C LYS C 142 -8.64 -16.09 2.84
N GLU C 143 -8.94 -15.16 1.94
CA GLU C 143 -9.87 -15.42 0.85
C GLU C 143 -9.28 -16.45 -0.11
N ARG C 144 -8.00 -16.28 -0.44
CA ARG C 144 -7.31 -17.20 -1.31
C ARG C 144 -7.33 -18.62 -0.74
N MSE C 145 -6.95 -18.74 0.53
CA MSE C 145 -6.89 -20.05 1.19
C MSE C 145 -8.24 -20.75 1.30
O MSE C 145 -8.36 -21.93 0.99
CB MSE C 145 -6.27 -19.90 2.59
CG MSE C 145 -4.79 -19.57 2.55
SE MSE C 145 -3.96 -19.48 4.31
CE MSE C 145 -4.57 -17.75 4.89
N MSE C 146 -9.25 -20.00 1.72
CA MSE C 146 -10.57 -20.55 1.87
C MSE C 146 -11.15 -21.06 0.55
O MSE C 146 -11.80 -22.11 0.52
CB MSE C 146 -11.51 -19.52 2.48
CG MSE C 146 -11.19 -19.19 3.93
SE MSE C 146 -12.44 -17.94 4.69
CE MSE C 146 -12.42 -16.56 3.40
N GLU C 147 -10.92 -20.33 -0.54
CA GLU C 147 -11.42 -20.75 -1.84
C GLU C 147 -10.73 -22.03 -2.32
N VAL C 148 -9.42 -22.13 -2.11
CA VAL C 148 -8.69 -23.34 -2.46
C VAL C 148 -9.22 -24.50 -1.62
N ALA C 149 -9.35 -24.25 -0.32
CA ALA C 149 -9.83 -25.28 0.60
C ALA C 149 -11.18 -25.83 0.21
N ILE C 150 -12.12 -24.96 -0.09
CA ILE C 150 -13.47 -25.39 -0.42
C ILE C 150 -13.54 -26.09 -1.79
N ASP C 151 -12.76 -25.61 -2.77
CA ASP C 151 -12.75 -26.21 -4.09
C ASP C 151 -12.13 -27.61 -4.05
N ARG C 152 -11.05 -27.79 -3.30
CA ARG C 152 -10.40 -29.10 -3.19
C ARG C 152 -11.24 -30.08 -2.39
N ILE C 153 -11.84 -29.63 -1.29
CA ILE C 153 -12.71 -30.50 -0.50
C ILE C 153 -13.84 -31.05 -1.37
N ALA C 154 -14.44 -30.19 -2.19
CA ALA C 154 -15.54 -30.62 -3.07
C ALA C 154 -15.03 -31.57 -4.15
N GLN C 155 -13.89 -31.22 -4.76
CA GLN C 155 -13.29 -32.05 -5.81
C GLN C 155 -12.82 -33.41 -5.28
N LEU C 156 -12.18 -33.43 -4.11
CA LEU C 156 -11.70 -34.66 -3.48
C LEU C 156 -12.84 -35.55 -2.98
N GLY C 157 -13.93 -34.94 -2.54
CA GLY C 157 -15.11 -35.67 -2.05
C GLY C 157 -15.86 -36.38 -3.16
N ALA C 158 -15.69 -35.94 -4.41
CA ALA C 158 -16.35 -36.53 -5.57
C ALA C 158 -15.81 -37.91 -5.88
N MSE D 2 19.41 -23.04 -22.64
CA MSE D 2 18.54 -22.41 -21.59
C MSE D 2 19.31 -21.62 -20.53
O MSE D 2 18.76 -20.73 -19.90
CB MSE D 2 17.75 -23.51 -20.89
CG MSE D 2 16.60 -23.00 -20.05
SE MSE D 2 15.93 -24.46 -18.96
CE MSE D 2 15.75 -25.97 -20.36
N LYS D 3 20.59 -21.98 -20.33
CA LYS D 3 21.48 -21.30 -19.37
C LYS D 3 21.45 -19.76 -19.50
N PRO D 4 21.48 -19.20 -20.74
CA PRO D 4 21.35 -17.74 -20.87
C PRO D 4 20.03 -17.14 -20.33
N LEU D 5 18.91 -17.84 -20.52
CA LEU D 5 17.61 -17.36 -20.04
C LEU D 5 17.52 -17.39 -18.52
N LYS D 6 18.13 -18.41 -17.89
CA LYS D 6 18.18 -18.48 -16.43
C LYS D 6 18.97 -17.33 -15.82
N GLU D 7 19.94 -16.84 -16.56
CA GLU D 7 20.74 -15.69 -16.13
C GLU D 7 19.96 -14.39 -16.27
N VAL D 8 19.10 -14.29 -17.29
CA VAL D 8 18.27 -13.10 -17.46
C VAL D 8 17.33 -12.94 -16.27
N VAL D 9 16.64 -14.01 -15.89
CA VAL D 9 15.72 -13.98 -14.76
C VAL D 9 16.49 -13.83 -13.45
N GLY D 10 17.63 -14.49 -13.34
CA GLY D 10 18.46 -14.38 -12.14
C GLY D 10 18.86 -12.96 -11.84
N ALA D 11 19.27 -12.24 -12.89
CA ALA D 11 19.68 -10.84 -12.78
C ALA D 11 18.51 -9.94 -12.45
N TYR D 12 17.40 -10.13 -13.14
CA TYR D 12 16.18 -9.36 -12.87
C TYR D 12 15.70 -9.50 -11.43
N LEU D 13 15.69 -10.72 -10.91
CA LEU D 13 15.25 -10.97 -9.55
C LEU D 13 16.20 -10.38 -8.53
N ALA D 14 17.49 -10.43 -8.83
CA ALA D 14 18.49 -9.85 -7.94
C ALA D 14 18.28 -8.33 -7.83
N LEU D 15 18.00 -7.68 -8.96
CA LEU D 15 17.77 -6.24 -8.98
C LEU D 15 16.45 -5.88 -8.30
N SER D 16 15.40 -6.66 -8.51
CA SER D 16 14.12 -6.39 -7.85
C SER D 16 14.27 -6.51 -6.35
N ASP D 17 14.99 -7.52 -5.88
CA ASP D 17 15.25 -7.70 -4.46
C ASP D 17 15.98 -6.47 -3.91
N ALA D 18 17.00 -6.00 -4.63
CA ALA D 18 17.75 -4.81 -4.21
C ALA D 18 16.84 -3.59 -4.07
N GLN D 19 15.96 -3.40 -5.04
CA GLN D 19 15.04 -2.26 -5.03
C GLN D 19 14.08 -2.26 -3.85
N ARG D 20 13.59 -3.43 -3.45
CA ARG D 20 12.73 -3.50 -2.26
C ARG D 20 13.56 -3.26 -1.00
N GLN D 21 14.81 -3.71 -1.00
CA GLN D 21 15.71 -3.51 0.13
C GLN D 21 16.09 -2.04 0.31
N LEU D 22 16.23 -1.30 -0.80
CA LEU D 22 16.50 0.14 -0.71
C LEU D 22 15.35 0.84 0.00
N VAL D 23 14.13 0.52 -0.40
CA VAL D 23 12.92 1.09 0.22
C VAL D 23 12.86 0.76 1.71
N ALA D 24 13.27 -0.46 2.07
CA ALA D 24 13.27 -0.90 3.47
C ALA D 24 14.45 -0.40 4.30
N GLY D 25 15.42 0.25 3.66
CA GLY D 25 16.60 0.74 4.36
C GLY D 25 17.68 -0.31 4.63
N GLU D 26 17.58 -1.46 3.98
CA GLU D 26 18.58 -2.52 4.13
C GLU D 26 19.64 -2.28 3.06
N TYR D 27 20.44 -1.23 3.26
CA TYR D 27 21.41 -0.81 2.26
C TYR D 27 22.56 -1.80 2.02
N ASP D 28 23.02 -2.47 3.07
CA ASP D 28 24.08 -3.48 2.95
C ASP D 28 23.65 -4.57 1.99
N GLU D 29 22.43 -5.08 2.18
CA GLU D 29 21.90 -6.15 1.33
C GLU D 29 21.63 -5.65 -0.08
N ALA D 30 21.12 -4.43 -0.19
CA ALA D 30 20.80 -3.85 -1.48
C ALA D 30 22.04 -3.68 -2.34
N ALA D 31 23.14 -3.22 -1.72
CA ALA D 31 24.40 -3.06 -2.43
C ALA D 31 24.88 -4.39 -2.96
N ALA D 32 24.86 -5.41 -2.10
CA ALA D 32 25.29 -6.74 -2.48
C ALA D 32 24.47 -7.30 -3.65
N ASN D 33 23.15 -7.12 -3.60
CA ASN D 33 22.29 -7.59 -4.67
C ASN D 33 22.47 -6.85 -6.00
N CYS D 34 22.78 -5.56 -5.96
CA CYS D 34 23.05 -4.81 -7.18
C CYS D 34 24.31 -5.31 -7.87
N ARG D 35 25.35 -5.55 -7.08
CA ARG D 35 26.59 -6.09 -7.61
C ARG D 35 26.35 -7.49 -8.14
N ARG D 36 25.57 -8.28 -7.41
CA ARG D 36 25.28 -9.64 -7.81
C ARG D 36 24.50 -9.65 -9.13
N ALA D 37 23.58 -8.69 -9.28
CA ALA D 37 22.77 -8.59 -10.51
C ALA D 37 23.66 -8.36 -11.72
N MSE D 38 24.65 -7.49 -11.59
CA MSE D 38 25.58 -7.21 -12.69
C MSE D 38 26.50 -8.39 -12.98
O MSE D 38 26.75 -8.70 -14.14
CB MSE D 38 26.40 -5.95 -12.42
CG MSE D 38 25.58 -4.68 -12.60
SE MSE D 38 26.61 -3.03 -12.37
CE MSE D 38 26.82 -3.09 -10.39
N GLU D 39 27.01 -9.03 -11.92
CA GLU D 39 27.87 -10.21 -12.08
C GLU D 39 27.15 -11.28 -12.91
N ILE D 40 25.86 -11.48 -12.65
CA ILE D 40 25.06 -12.46 -13.38
C ILE D 40 24.83 -12.00 -14.82
N SER D 41 24.48 -10.72 -14.99
CA SER D 41 24.21 -10.16 -16.32
C SER D 41 25.40 -10.29 -17.25
N HIS D 42 26.61 -10.18 -16.69
CA HIS D 42 27.83 -10.29 -17.49
C HIS D 42 28.33 -11.72 -17.74
N THR D 43 27.60 -12.74 -17.30
CA THR D 43 27.99 -14.13 -17.60
C THR D 43 27.21 -14.66 -18.80
N MSE D 44 26.37 -13.81 -19.41
CA MSE D 44 25.60 -14.23 -20.58
C MSE D 44 26.47 -14.21 -21.81
O MSE D 44 27.42 -13.43 -21.88
CB MSE D 44 24.45 -13.27 -20.81
CG MSE D 44 23.51 -13.13 -19.65
SE MSE D 44 22.18 -11.89 -20.20
CE MSE D 44 21.54 -11.33 -18.49
N PRO D 45 26.16 -15.08 -22.80
CA PRO D 45 26.92 -15.00 -24.04
C PRO D 45 26.57 -13.68 -24.75
N PRO D 46 27.49 -13.15 -25.58
CA PRO D 46 27.20 -11.87 -26.25
C PRO D 46 26.03 -11.95 -27.27
N GLU D 47 25.81 -13.13 -27.85
CA GLU D 47 24.75 -13.34 -28.83
C GLU D 47 23.30 -13.40 -28.26
N GLU D 48 23.15 -13.26 -26.93
CA GLU D 48 21.83 -13.29 -26.28
C GLU D 48 21.33 -11.85 -26.16
N ALA D 49 20.13 -11.58 -26.68
CA ALA D 49 19.54 -10.23 -26.64
C ALA D 49 19.25 -9.80 -25.21
N PHE D 50 19.85 -8.67 -24.82
CA PHE D 50 19.72 -8.13 -23.48
C PHE D 50 20.27 -6.71 -23.51
N ASP D 51 19.61 -5.80 -22.82
CA ASP D 51 20.04 -4.40 -22.75
C ASP D 51 21.06 -4.23 -21.63
N HIS D 52 22.32 -4.59 -21.89
CA HIS D 52 23.39 -4.49 -20.87
C HIS D 52 23.64 -3.06 -20.39
N ALA D 53 23.66 -2.11 -21.33
CA ALA D 53 23.92 -0.71 -21.00
C ALA D 53 22.88 -0.18 -20.03
N GLY D 54 21.61 -0.38 -20.38
CA GLY D 54 20.51 0.07 -19.55
C GLY D 54 20.42 -0.67 -18.22
N PHE D 55 20.60 -1.99 -18.26
CA PHE D 55 20.54 -2.77 -17.05
C PHE D 55 21.64 -2.39 -16.07
N ASP D 56 22.88 -2.25 -16.57
CA ASP D 56 24.00 -1.84 -15.72
C ASP D 56 23.76 -0.45 -15.12
N ALA D 57 23.14 0.45 -15.87
CA ALA D 57 22.83 1.79 -15.38
C ALA D 57 21.85 1.71 -14.22
N PHE D 58 20.84 0.86 -14.33
CA PHE D 58 19.85 0.71 -13.27
C PHE D 58 20.53 0.15 -12.01
N CYS D 59 21.42 -0.82 -12.19
CA CYS D 59 22.13 -1.41 -11.05
C CYS D 59 23.03 -0.39 -10.39
N HIS D 60 23.75 0.40 -11.18
CA HIS D 60 24.63 1.44 -10.65
C HIS D 60 23.86 2.55 -9.91
N ALA D 61 22.66 2.88 -10.38
CA ALA D 61 21.82 3.88 -9.71
C ALA D 61 21.41 3.36 -8.35
N GLY D 62 20.93 2.12 -8.32
CA GLY D 62 20.54 1.47 -7.06
C GLY D 62 21.72 1.33 -6.11
N LEU D 63 22.88 0.94 -6.64
CA LEU D 63 24.08 0.78 -5.84
C LEU D 63 24.52 2.10 -5.22
N ALA D 64 24.45 3.17 -6.00
CA ALA D 64 24.82 4.50 -5.54
C ALA D 64 23.94 4.92 -4.37
N GLU D 65 22.64 4.68 -4.49
CA GLU D 65 21.70 5.02 -3.42
C GLU D 65 22.03 4.25 -2.15
N ALA D 66 22.32 2.96 -2.29
CA ALA D 66 22.65 2.12 -1.15
C ALA D 66 23.94 2.59 -0.47
N LEU D 67 24.97 2.84 -1.26
CA LEU D 67 26.25 3.29 -0.74
C LEU D 67 26.17 4.67 -0.09
N ALA D 68 25.32 5.55 -0.63
CA ALA D 68 25.10 6.86 -0.03
C ALA D 68 24.43 6.67 1.33
N GLY D 69 23.47 5.74 1.40
CA GLY D 69 22.78 5.41 2.65
C GLY D 69 23.73 4.91 3.73
N LEU D 70 24.74 4.15 3.32
CA LEU D 70 25.76 3.64 4.25
C LEU D 70 26.86 4.65 4.55
N ARG D 71 26.81 5.82 3.91
CA ARG D 71 27.82 6.86 4.06
C ARG D 71 29.19 6.45 3.52
N SER D 72 29.19 5.58 2.52
CA SER D 72 30.39 5.13 1.84
C SER D 72 30.41 5.99 0.57
N PHE D 73 30.72 7.27 0.75
CA PHE D 73 30.60 8.27 -0.31
C PHE D 73 31.52 8.15 -1.52
N ASP D 74 32.77 7.71 -1.30
CA ASP D 74 33.69 7.53 -2.42
C ASP D 74 33.13 6.53 -3.42
N GLU D 75 32.77 5.34 -2.94
CA GLU D 75 32.22 4.31 -3.80
C GLU D 75 30.88 4.73 -4.41
N ALA D 76 30.08 5.47 -3.64
CA ALA D 76 28.79 5.96 -4.11
C ALA D 76 28.96 6.89 -5.30
N LEU D 77 29.91 7.81 -5.19
CA LEU D 77 30.18 8.78 -6.27
C LEU D 77 30.53 8.09 -7.57
N HIS D 78 31.39 7.08 -7.47
CA HIS D 78 31.84 6.31 -8.61
C HIS D 78 30.70 5.56 -9.29
N SER D 79 29.82 4.97 -8.47
CA SER D 79 28.69 4.22 -8.99
C SER D 79 27.70 5.19 -9.67
N ALA D 80 27.44 6.33 -9.05
CA ALA D 80 26.54 7.32 -9.62
C ALA D 80 27.06 7.82 -10.97
N ASP D 81 28.36 8.08 -11.05
CA ASP D 81 28.95 8.55 -12.31
C ASP D 81 28.79 7.54 -13.43
N LYS D 82 28.93 6.25 -13.13
CA LYS D 82 28.74 5.21 -14.14
C LYS D 82 27.28 5.19 -14.63
N ALA D 83 26.33 5.41 -13.72
CA ALA D 83 24.92 5.47 -14.11
C ALA D 83 24.64 6.70 -14.97
N LEU D 84 25.20 7.85 -14.56
CA LEU D 84 24.98 9.11 -15.28
C LEU D 84 25.65 9.13 -16.65
N HIS D 85 26.73 8.36 -16.81
CA HIS D 85 27.39 8.26 -18.10
C HIS D 85 26.38 7.74 -19.14
N TYR D 86 25.53 6.82 -18.72
CA TYR D 86 24.48 6.26 -19.56
C TYR D 86 23.29 7.20 -19.72
N PHE D 87 22.78 7.72 -18.60
CA PHE D 87 21.60 8.61 -18.64
C PHE D 87 21.80 9.90 -19.41
N ASN D 88 22.99 10.48 -19.35
CA ASN D 88 23.25 11.72 -20.09
C ASN D 88 23.29 11.47 -21.61
N ARG D 89 23.65 10.25 -22.03
CA ARG D 89 23.69 9.90 -23.44
C ARG D 89 22.34 9.36 -23.95
N ARG D 90 21.81 8.31 -23.32
CA ARG D 90 20.58 7.65 -23.79
C ARG D 90 19.38 7.71 -22.84
N GLY D 91 19.41 8.62 -21.87
CA GLY D 91 18.32 8.72 -20.88
C GLY D 91 17.08 9.46 -21.35
N GLU D 92 15.92 9.01 -20.85
CA GLU D 92 14.62 9.60 -21.16
C GLU D 92 13.94 9.96 -19.83
N LEU D 93 13.89 11.26 -19.53
CA LEU D 93 13.36 11.77 -18.27
C LEU D 93 11.88 11.44 -18.01
N ASN D 94 11.05 11.44 -19.04
CA ASN D 94 9.62 11.17 -18.87
C ASN D 94 9.18 9.70 -18.93
N GLN D 95 10.12 8.78 -18.79
CA GLN D 95 9.84 7.34 -18.75
C GLN D 95 10.13 6.89 -17.34
N ASP D 96 9.72 5.67 -16.98
CA ASP D 96 10.03 5.14 -15.64
C ASP D 96 11.52 5.30 -15.33
N GLU D 97 12.33 5.05 -16.36
CA GLU D 97 13.78 5.22 -16.35
C GLU D 97 14.21 6.55 -15.68
N GLY D 98 13.45 7.62 -15.94
CA GLY D 98 13.71 8.94 -15.39
C GLY D 98 13.80 9.00 -13.88
N LYS D 99 13.07 8.13 -13.19
CA LYS D 99 13.13 8.09 -11.73
C LYS D 99 14.52 7.69 -11.25
N LEU D 100 15.13 6.73 -11.95
CA LEU D 100 16.48 6.29 -11.62
C LEU D 100 17.51 7.33 -11.99
N TRP D 101 17.25 8.10 -13.05
CA TRP D 101 18.16 9.17 -13.48
C TRP D 101 18.25 10.19 -12.35
N ILE D 102 17.09 10.66 -11.89
CA ILE D 102 17.01 11.63 -10.80
C ILE D 102 17.69 11.09 -9.54
N SER D 103 17.46 9.81 -9.26
CA SER D 103 18.08 9.16 -8.11
C SER D 103 19.59 9.25 -8.18
N ALA D 104 20.15 8.94 -9.35
CA ALA D 104 21.59 8.97 -9.55
C ALA D 104 22.17 10.38 -9.35
N VAL D 105 21.45 11.40 -9.82
CA VAL D 105 21.89 12.78 -9.64
C VAL D 105 21.87 13.15 -8.15
N TYR D 106 20.83 12.71 -7.46
CA TYR D 106 20.69 12.96 -6.03
C TYR D 106 21.81 12.26 -5.24
N SER D 107 22.07 11.01 -5.58
CA SER D 107 23.17 10.26 -4.94
C SER D 107 24.51 10.95 -5.17
N ARG D 108 24.72 11.48 -6.37
CA ARG D 108 25.95 12.20 -6.67
C ARG D 108 26.10 13.45 -5.79
N ALA D 109 24.99 14.18 -5.61
CA ALA D 109 24.98 15.37 -4.78
C ALA D 109 25.31 15.01 -3.34
N LEU D 110 24.66 13.96 -2.82
CA LEU D 110 24.92 13.49 -1.45
C LEU D 110 26.35 13.02 -1.26
N ALA D 111 26.90 12.36 -2.26
CA ALA D 111 28.24 11.83 -2.20
C ALA D 111 29.28 12.96 -2.20
N LEU D 112 29.11 13.92 -3.12
CA LEU D 112 30.00 15.08 -3.18
C LEU D 112 29.95 15.88 -1.88
N ASP D 113 28.75 16.03 -1.32
CA ASP D 113 28.57 16.77 -0.08
C ASP D 113 29.26 16.00 1.07
N GLY D 114 29.07 14.69 1.10
CA GLY D 114 29.70 13.84 2.11
C GLY D 114 31.22 13.83 2.08
N LEU D 115 31.79 14.07 0.89
CA LEU D 115 33.26 14.12 0.72
C LEU D 115 33.82 15.53 0.97
N GLY D 116 32.95 16.49 1.34
CA GLY D 116 33.37 17.86 1.61
C GLY D 116 33.53 18.72 0.37
N ARG D 117 32.97 18.26 -0.74
CA ARG D 117 33.05 18.95 -2.01
C ARG D 117 31.73 19.68 -2.27
N GLY D 118 31.43 20.63 -1.40
CA GLY D 118 30.18 21.39 -1.45
C GLY D 118 30.00 22.27 -2.67
N ALA D 119 31.10 22.84 -3.16
CA ALA D 119 31.04 23.70 -4.35
C ALA D 119 30.48 22.95 -5.56
N GLU D 120 30.79 21.65 -5.64
CA GLU D 120 30.31 20.79 -6.72
C GLU D 120 28.97 20.15 -6.40
N ALA D 121 28.67 19.96 -5.12
CA ALA D 121 27.42 19.37 -4.69
C ALA D 121 26.24 20.32 -4.89
N MSE D 122 26.47 21.61 -4.66
CA MSE D 122 25.40 22.58 -4.78
C MSE D 122 24.69 22.59 -6.13
O MSE D 122 23.47 22.50 -6.17
CB MSE D 122 25.87 23.97 -4.45
CG MSE D 122 24.70 24.83 -4.06
SE MSE D 122 24.83 26.48 -4.95
CE MSE D 122 24.50 25.90 -6.72
N PRO D 123 25.43 22.73 -7.25
CA PRO D 123 24.75 22.70 -8.55
C PRO D 123 24.03 21.37 -8.82
N GLU D 124 24.50 20.27 -8.24
CA GLU D 124 23.81 18.99 -8.42
C GLU D 124 22.48 18.98 -7.66
N PHE D 125 22.45 19.55 -6.45
CA PHE D 125 21.20 19.64 -5.71
C PHE D 125 20.19 20.50 -6.47
N LYS D 126 20.65 21.59 -7.09
CA LYS D 126 19.78 22.43 -7.91
C LYS D 126 19.23 21.60 -9.08
N LYS D 127 20.09 20.81 -9.71
CA LYS D 127 19.72 19.99 -10.85
C LYS D 127 18.64 18.97 -10.48
N VAL D 128 18.68 18.43 -9.24
CA VAL D 128 17.65 17.50 -8.78
C VAL D 128 16.30 18.19 -8.79
N VAL D 129 16.24 19.39 -8.23
CA VAL D 129 14.99 20.15 -8.17
C VAL D 129 14.49 20.46 -9.57
N GLU D 130 15.38 20.91 -10.44
CA GLU D 130 15.02 21.25 -11.82
C GLU D 130 14.45 20.05 -12.58
N MSE D 131 15.03 18.88 -12.38
CA MSE D 131 14.57 17.67 -13.05
C MSE D 131 13.20 17.23 -12.55
O MSE D 131 12.39 16.75 -13.34
CB MSE D 131 15.58 16.52 -12.89
CG MSE D 131 16.87 16.76 -13.67
SE MSE D 131 18.22 15.43 -13.24
CE MSE D 131 17.46 13.88 -14.12
N ILE D 132 12.95 17.37 -11.25
CA ILE D 132 11.66 17.02 -10.67
C ILE D 132 10.56 17.91 -11.25
N GLU D 133 10.85 19.20 -11.41
CA GLU D 133 9.91 20.13 -12.04
C GLU D 133 9.64 19.74 -13.47
N GLU D 134 10.72 19.51 -14.21
CA GLU D 134 10.67 19.18 -15.63
C GLU D 134 9.91 17.91 -15.92
N ARG D 135 10.11 16.90 -15.07
CA ARG D 135 9.47 15.61 -15.28
C ARG D 135 7.95 15.63 -15.16
N LYS D 136 7.28 15.21 -16.22
CA LYS D 136 5.83 15.04 -16.21
C LYS D 136 5.70 13.62 -15.69
N GLY D 137 4.93 13.42 -14.61
CA GLY D 137 4.74 12.09 -14.05
C GLY D 137 5.19 11.96 -12.61
N GLU D 138 4.56 11.05 -11.88
CA GLU D 138 4.83 10.83 -10.45
C GLU D 138 6.30 10.50 -10.19
N THR D 139 6.90 11.16 -9.20
CA THR D 139 8.28 10.91 -8.80
C THR D 139 8.30 10.62 -7.30
N PRO D 140 8.12 9.35 -6.91
CA PRO D 140 8.11 8.97 -5.49
C PRO D 140 9.36 9.45 -4.75
N GLY D 141 9.16 9.96 -3.54
CA GLY D 141 10.25 10.47 -2.71
C GLY D 141 10.73 11.87 -3.06
N LYS D 142 9.99 12.57 -3.94
CA LYS D 142 10.37 13.90 -4.38
C LYS D 142 10.42 14.91 -3.25
N GLU D 143 9.53 14.77 -2.28
CA GLU D 143 9.46 15.71 -1.16
C GLU D 143 10.72 15.59 -0.31
N ARG D 144 11.12 14.34 -0.04
CA ARG D 144 12.32 14.07 0.74
C ARG D 144 13.55 14.69 0.08
N MSE D 145 13.71 14.45 -1.21
CA MSE D 145 14.86 14.95 -1.95
C MSE D 145 14.90 16.48 -2.02
O MSE D 145 15.94 17.08 -1.79
CB MSE D 145 14.90 14.38 -3.37
CG MSE D 145 15.21 12.90 -3.40
SE MSE D 145 15.44 12.20 -5.22
CE MSE D 145 13.57 12.11 -5.78
N MSE D 146 13.76 17.08 -2.34
CA MSE D 146 13.70 18.53 -2.46
C MSE D 146 14.02 19.24 -1.17
O MSE D 146 14.69 20.27 -1.18
CB MSE D 146 12.31 18.96 -2.92
CG MSE D 146 12.05 18.68 -4.39
SE MSE D 146 10.30 19.33 -4.93
CE MSE D 146 9.16 18.48 -3.63
N GLU D 147 13.55 18.68 -0.04
CA GLU D 147 13.83 19.29 1.25
C GLU D 147 15.31 19.20 1.61
N VAL D 148 15.93 18.05 1.36
CA VAL D 148 17.37 17.92 1.59
C VAL D 148 18.12 18.91 0.70
N ALA D 149 17.75 18.95 -0.57
CA ALA D 149 18.40 19.82 -1.54
C ALA D 149 18.35 21.28 -1.13
N ILE D 150 17.18 21.76 -0.72
CA ILE D 150 17.02 23.15 -0.35
C ILE D 150 17.72 23.49 0.98
N ASP D 151 17.72 22.57 1.94
CA ASP D 151 18.39 22.80 3.21
C ASP D 151 19.91 22.86 3.03
N ARG D 152 20.45 21.96 2.21
CA ARG D 152 21.90 21.94 1.95
C ARG D 152 22.36 23.15 1.15
N ILE D 153 21.60 23.50 0.13
CA ILE D 153 21.93 24.66 -0.70
C ILE D 153 22.02 25.93 0.14
N ALA D 154 21.04 26.20 0.98
CA ALA D 154 21.05 27.40 1.81
C ALA D 154 22.38 27.54 2.54
N GLN D 155 22.86 26.43 3.10
CA GLN D 155 24.10 26.39 3.88
C GLN D 155 25.38 26.48 3.03
N LEU D 156 25.33 25.92 1.83
CA LEU D 156 26.46 25.95 0.91
C LEU D 156 26.67 27.31 0.25
N GLY D 157 25.61 28.10 0.10
CA GLY D 157 25.75 29.45 -0.46
C GLY D 157 24.66 30.00 -1.35
N ALA D 158 24.53 29.38 -2.54
CA ALA D 158 23.57 29.81 -3.59
C ALA D 158 23.97 31.17 -4.20
N MSE E 2 -31.25 7.02 -20.80
CA MSE E 2 -29.93 6.84 -20.11
C MSE E 2 -29.51 5.37 -19.89
O MSE E 2 -28.54 5.11 -19.17
CB MSE E 2 -29.94 7.54 -18.76
CG MSE E 2 -30.90 6.90 -17.73
SE MSE E 2 -30.53 7.41 -15.88
CE MSE E 2 -28.66 6.68 -15.68
N LYS E 3 -30.24 4.41 -20.47
CA LYS E 3 -29.94 2.99 -20.33
C LYS E 3 -28.53 2.63 -20.84
N PRO E 4 -28.10 3.20 -22.00
CA PRO E 4 -26.74 2.89 -22.48
C PRO E 4 -25.64 3.25 -21.49
N LEU E 5 -25.83 4.35 -20.73
CA LEU E 5 -24.83 4.80 -19.78
C LEU E 5 -24.80 3.92 -18.52
N LYS E 6 -25.97 3.46 -18.07
CA LYS E 6 -26.08 2.53 -16.93
C LYS E 6 -25.31 1.27 -17.25
N GLU E 7 -25.33 0.87 -18.52
CA GLU E 7 -24.64 -0.33 -18.98
C GLU E 7 -23.13 -0.14 -19.05
N VAL E 8 -22.68 1.05 -19.43
CA VAL E 8 -21.26 1.36 -19.49
C VAL E 8 -20.65 1.27 -18.11
N VAL E 9 -21.29 1.92 -17.14
CA VAL E 9 -20.82 1.92 -15.76
C VAL E 9 -20.96 0.53 -15.14
N GLY E 10 -22.06 -0.16 -15.44
CA GLY E 10 -22.28 -1.50 -14.93
C GLY E 10 -21.20 -2.47 -15.34
N ALA E 11 -20.80 -2.40 -16.61
CA ALA E 11 -19.75 -3.25 -17.15
C ALA E 11 -18.39 -2.91 -16.54
N TYR E 12 -18.08 -1.62 -16.46
CA TYR E 12 -16.82 -1.16 -15.85
C TYR E 12 -16.67 -1.60 -14.40
N LEU E 13 -17.74 -1.48 -13.62
CA LEU E 13 -17.70 -1.88 -12.21
C LEU E 13 -17.60 -3.39 -12.05
N ALA E 14 -18.22 -4.15 -12.96
CA ALA E 14 -18.14 -5.61 -12.93
C ALA E 14 -16.69 -6.05 -13.17
N LEU E 15 -16.04 -5.39 -14.13
CA LEU E 15 -14.64 -5.72 -14.45
C LEU E 15 -13.69 -5.29 -13.31
N SER E 16 -13.92 -4.13 -12.72
CA SER E 16 -13.09 -3.67 -11.61
C SER E 16 -13.19 -4.64 -10.45
N ASP E 17 -14.42 -5.09 -10.14
CA ASP E 17 -14.63 -6.08 -9.08
C ASP E 17 -13.85 -7.35 -9.39
N ALA E 18 -13.93 -7.82 -10.63
CA ALA E 18 -13.20 -9.03 -11.05
C ALA E 18 -11.69 -8.88 -10.84
N GLN E 19 -11.15 -7.73 -11.22
CA GLN E 19 -9.73 -7.46 -11.08
C GLN E 19 -9.23 -7.47 -9.63
N ARG E 20 -10.03 -6.95 -8.70
CA ARG E 20 -9.65 -7.01 -7.28
C ARG E 20 -9.78 -8.44 -6.75
N GLN E 21 -10.76 -9.18 -7.27
CA GLN E 21 -10.95 -10.57 -6.88
C GLN E 21 -9.79 -11.46 -7.37
N LEU E 22 -9.25 -11.16 -8.54
CA LEU E 22 -8.09 -11.91 -9.06
C LEU E 22 -6.91 -11.74 -8.11
N VAL E 23 -6.64 -10.51 -7.71
CA VAL E 23 -5.56 -10.22 -6.79
C VAL E 23 -5.77 -10.94 -5.46
N ALA E 24 -7.01 -11.03 -5.00
CA ALA E 24 -7.34 -11.70 -3.72
C ALA E 24 -7.39 -13.23 -3.83
N GLY E 25 -7.32 -13.77 -5.04
CA GLY E 25 -7.39 -15.21 -5.24
C GLY E 25 -8.79 -15.80 -5.26
N GLU E 26 -9.80 -14.94 -5.37
CA GLU E 26 -11.19 -15.35 -5.46
C GLU E 26 -11.49 -15.57 -6.94
N TYR E 27 -10.94 -16.64 -7.49
CA TYR E 27 -11.05 -16.91 -8.91
C TYR E 27 -12.46 -17.28 -9.40
N ASP E 28 -13.22 -18.00 -8.58
CA ASP E 28 -14.61 -18.36 -8.91
C ASP E 28 -15.43 -17.10 -9.14
N GLU E 29 -15.33 -16.15 -8.21
CA GLU E 29 -16.07 -14.89 -8.27
C GLU E 29 -15.57 -14.03 -9.43
N ALA E 30 -14.26 -14.00 -9.62
CA ALA E 30 -13.64 -13.22 -10.69
C ALA E 30 -14.10 -13.68 -12.07
N ALA E 31 -14.16 -14.99 -12.27
CA ALA E 31 -14.59 -15.56 -13.54
C ALA E 31 -16.02 -15.14 -13.83
N ALA E 32 -16.88 -15.26 -12.82
CA ALA E 32 -18.28 -14.88 -12.94
C ALA E 32 -18.44 -13.39 -13.29
N ASN E 33 -17.68 -12.52 -12.62
CA ASN E 33 -17.75 -11.09 -12.90
C ASN E 33 -17.21 -10.69 -14.29
N CYS E 34 -16.21 -11.40 -14.79
CA CYS E 34 -15.69 -11.15 -16.15
C CYS E 34 -16.75 -11.47 -17.20
N ARG E 35 -17.40 -12.61 -17.05
CA ARG E 35 -18.47 -13.02 -17.95
C ARG E 35 -19.63 -12.04 -17.84
N ARG E 36 -19.94 -11.63 -16.61
CA ARG E 36 -21.03 -10.69 -16.36
C ARG E 36 -20.73 -9.34 -17.01
N ALA E 37 -19.47 -8.91 -16.94
CA ALA E 37 -19.06 -7.64 -17.54
C ALA E 37 -19.28 -7.63 -19.04
N MSE E 38 -18.96 -8.74 -19.71
CA MSE E 38 -19.19 -8.85 -21.15
C MSE E 38 -20.66 -8.94 -21.51
O MSE E 38 -21.10 -8.35 -22.49
CB MSE E 38 -18.45 -10.05 -21.76
CG MSE E 38 -16.97 -9.78 -21.97
SE MSE E 38 -16.02 -11.32 -22.68
CE MSE E 38 -16.06 -12.47 -21.03
N GLU E 39 -21.43 -9.70 -20.72
CA GLU E 39 -22.87 -9.82 -20.95
C GLU E 39 -23.52 -8.43 -20.95
N ILE E 40 -23.11 -7.58 -20.00
CA ILE E 40 -23.64 -6.24 -19.91
C ILE E 40 -23.17 -5.36 -21.06
N SER E 41 -21.88 -5.44 -21.41
CA SER E 41 -21.33 -4.62 -22.49
C SER E 41 -22.01 -4.94 -23.83
N HIS E 42 -22.44 -6.18 -24.02
CA HIS E 42 -23.13 -6.57 -25.26
C HIS E 42 -24.63 -6.28 -25.31
N THR E 43 -25.18 -5.64 -24.28
CA THR E 43 -26.60 -5.26 -24.26
C THR E 43 -26.76 -3.80 -24.70
N MSE E 44 -25.67 -3.12 -25.02
CA MSE E 44 -25.74 -1.72 -25.44
C MSE E 44 -26.15 -1.65 -26.88
O MSE E 44 -25.87 -2.57 -27.66
CB MSE E 44 -24.38 -1.05 -25.32
CG MSE E 44 -23.79 -1.07 -23.93
SE MSE E 44 -22.05 -0.28 -24.04
CE MSE E 44 -21.31 -0.86 -22.40
N PRO E 45 -26.83 -0.57 -27.27
CA PRO E 45 -27.14 -0.42 -28.69
C PRO E 45 -25.84 -0.19 -29.47
N PRO E 46 -25.83 -0.52 -30.77
CA PRO E 46 -24.61 -0.35 -31.56
C PRO E 46 -24.18 1.11 -31.76
N GLU E 47 -25.13 2.04 -31.74
CA GLU E 47 -24.80 3.46 -31.93
C GLU E 47 -24.24 4.20 -30.68
N GLU E 48 -24.00 3.48 -29.59
CA GLU E 48 -23.39 4.07 -28.38
C GLU E 48 -21.86 3.82 -28.41
N ALA E 49 -21.09 4.91 -28.29
CA ALA E 49 -19.63 4.83 -28.35
C ALA E 49 -19.08 4.01 -27.20
N PHE E 50 -18.33 2.98 -27.54
CA PHE E 50 -17.73 2.09 -26.55
C PHE E 50 -16.72 1.22 -27.29
N ASP E 51 -15.56 0.97 -26.67
CA ASP E 51 -14.52 0.14 -27.29
C ASP E 51 -14.79 -1.32 -26.95
N HIS E 52 -15.70 -1.96 -27.68
CA HIS E 52 -16.05 -3.37 -27.44
C HIS E 52 -14.89 -4.33 -27.63
N ALA E 53 -14.10 -4.14 -28.67
CA ALA E 53 -12.96 -4.99 -28.96
C ALA E 53 -11.97 -5.01 -27.80
N GLY E 54 -11.57 -3.83 -27.36
CA GLY E 54 -10.64 -3.67 -26.24
C GLY E 54 -11.23 -4.15 -24.92
N PHE E 55 -12.47 -3.77 -24.64
CA PHE E 55 -13.11 -4.18 -23.40
C PHE E 55 -13.23 -5.69 -23.32
N ASP E 56 -13.68 -6.34 -24.39
CA ASP E 56 -13.79 -7.81 -24.41
C ASP E 56 -12.43 -8.47 -24.20
N ALA E 57 -11.38 -7.87 -24.76
CA ALA E 57 -10.03 -8.41 -24.59
C ALA E 57 -9.58 -8.36 -23.13
N PHE E 58 -9.90 -7.26 -22.44
CA PHE E 58 -9.55 -7.12 -21.03
C PHE E 58 -10.30 -8.15 -20.21
N CYS E 59 -11.57 -8.37 -20.52
CA CYS E 59 -12.39 -9.36 -19.83
C CYS E 59 -11.86 -10.77 -20.04
N HIS E 60 -11.54 -11.10 -21.29
CA HIS E 60 -10.99 -12.41 -21.62
C HIS E 60 -9.63 -12.68 -20.95
N ALA E 61 -8.79 -11.64 -20.82
CA ALA E 61 -7.50 -11.79 -20.14
C ALA E 61 -7.75 -12.13 -18.67
N GLY E 62 -8.61 -11.34 -18.02
CA GLY E 62 -8.98 -11.57 -16.62
C GLY E 62 -9.62 -12.94 -16.43
N LEU E 63 -10.50 -13.33 -17.34
CA LEU E 63 -11.18 -14.63 -17.28
C LEU E 63 -10.17 -15.77 -17.40
N ALA E 64 -9.21 -15.62 -18.31
CA ALA E 64 -8.18 -16.65 -18.51
C ALA E 64 -7.34 -16.84 -17.25
N GLU E 65 -6.98 -15.73 -16.60
CA GLU E 65 -6.20 -15.81 -15.36
C GLU E 65 -6.99 -16.52 -14.28
N ALA E 66 -8.28 -16.20 -14.15
CA ALA E 66 -9.13 -16.82 -13.16
C ALA E 66 -9.28 -18.33 -13.41
N LEU E 67 -9.55 -18.69 -14.65
CA LEU E 67 -9.71 -20.10 -15.03
C LEU E 67 -8.42 -20.91 -14.85
N ALA E 68 -7.29 -20.28 -15.13
CA ALA E 68 -6.00 -20.92 -14.93
C ALA E 68 -5.80 -21.18 -13.43
N GLY E 69 -6.18 -20.21 -12.60
CA GLY E 69 -6.11 -20.35 -11.14
C GLY E 69 -6.96 -21.50 -10.62
N LEU E 70 -8.11 -21.72 -11.24
CA LEU E 70 -9.01 -22.81 -10.87
C LEU E 70 -8.60 -24.15 -11.48
N ARG E 71 -7.57 -24.12 -12.33
CA ARG E 71 -7.07 -25.30 -13.04
C ARG E 71 -8.10 -25.85 -14.05
N SER E 72 -8.92 -24.95 -14.59
CA SER E 72 -9.89 -25.27 -15.63
C SER E 72 -9.18 -24.84 -16.92
N PHE E 73 -8.18 -25.62 -17.31
CA PHE E 73 -7.26 -25.25 -18.39
C PHE E 73 -7.82 -25.17 -19.80
N ASP E 74 -8.78 -26.03 -20.12
CA ASP E 74 -9.38 -26.01 -21.46
C ASP E 74 -10.07 -24.66 -21.69
N GLU E 75 -10.94 -24.26 -20.76
CA GLU E 75 -11.65 -22.98 -20.88
C GLU E 75 -10.68 -21.80 -20.81
N ALA E 76 -9.64 -21.92 -19.99
CA ALA E 76 -8.63 -20.87 -19.85
C ALA E 76 -7.92 -20.60 -21.17
N LEU E 77 -7.52 -21.68 -21.84
CA LEU E 77 -6.82 -21.58 -23.12
C LEU E 77 -7.67 -20.83 -24.15
N HIS E 78 -8.95 -21.17 -24.22
CA HIS E 78 -9.86 -20.50 -25.16
C HIS E 78 -10.04 -19.02 -24.86
N SER E 79 -10.15 -18.68 -23.57
CA SER E 79 -10.32 -17.29 -23.20
C SER E 79 -9.05 -16.50 -23.52
N ALA E 80 -7.89 -17.08 -23.22
CA ALA E 80 -6.62 -16.43 -23.51
C ALA E 80 -6.45 -16.19 -25.00
N ASP E 81 -6.81 -17.18 -25.82
CA ASP E 81 -6.71 -17.01 -27.29
C ASP E 81 -7.58 -15.88 -27.81
N LYS E 82 -8.78 -15.71 -27.27
CA LYS E 82 -9.65 -14.61 -27.68
C LYS E 82 -9.03 -13.26 -27.30
N ALA E 83 -8.33 -13.20 -26.18
CA ALA E 83 -7.66 -11.97 -25.77
C ALA E 83 -6.46 -11.67 -26.66
N LEU E 84 -5.68 -12.71 -26.95
CA LEU E 84 -4.50 -12.57 -27.79
C LEU E 84 -4.83 -12.26 -29.24
N HIS E 85 -6.01 -12.68 -29.70
CA HIS E 85 -6.44 -12.35 -31.06
C HIS E 85 -6.49 -10.82 -31.22
N TYR E 86 -6.91 -10.12 -30.16
CA TYR E 86 -6.96 -8.66 -30.16
C TYR E 86 -5.58 -8.04 -29.95
N PHE E 87 -4.86 -8.50 -28.93
CA PHE E 87 -3.54 -7.93 -28.62
C PHE E 87 -2.50 -8.09 -29.73
N ASN E 88 -2.53 -9.20 -30.46
CA ASN E 88 -1.58 -9.38 -31.56
C ASN E 88 -1.86 -8.40 -32.70
N ARG E 89 -3.12 -8.00 -32.87
CA ARG E 89 -3.51 -7.07 -33.93
C ARG E 89 -3.37 -5.60 -33.50
N ARG E 90 -4.05 -5.22 -32.40
CA ARG E 90 -4.08 -3.82 -31.95
C ARG E 90 -3.47 -3.53 -30.58
N GLY E 91 -2.64 -4.45 -30.08
CA GLY E 91 -2.02 -4.27 -28.74
C GLY E 91 -0.80 -3.36 -28.70
N GLU E 92 -0.66 -2.65 -27.58
CA GLU E 92 0.47 -1.75 -27.35
C GLU E 92 1.15 -2.16 -26.04
N LEU E 93 2.35 -2.75 -26.15
CA LEU E 93 3.07 -3.29 -25.01
C LEU E 93 3.46 -2.27 -23.94
N ASN E 94 3.80 -1.04 -24.33
CA ASN E 94 4.23 -0.03 -23.38
C ASN E 94 3.11 0.85 -22.77
N GLN E 95 1.87 0.41 -22.88
CA GLN E 95 0.73 1.10 -22.29
C GLN E 95 0.23 0.21 -21.17
N ASP E 96 -0.65 0.72 -20.30
CA ASP E 96 -1.21 -0.10 -19.22
C ASP E 96 -1.77 -1.42 -19.76
N GLU E 97 -2.39 -1.33 -20.93
CA GLU E 97 -2.88 -2.45 -21.72
C GLU E 97 -1.88 -3.63 -21.80
N GLY E 98 -0.60 -3.30 -21.94
CA GLY E 98 0.47 -4.29 -22.03
C GLY E 98 0.53 -5.27 -20.87
N LYS E 99 0.13 -4.84 -19.68
CA LYS E 99 0.13 -5.72 -18.51
C LYS E 99 -0.86 -6.86 -18.71
N LEU E 100 -2.00 -6.56 -19.33
CA LEU E 100 -3.00 -7.59 -19.64
C LEU E 100 -2.57 -8.49 -20.79
N TRP E 101 -1.79 -7.93 -21.72
CA TRP E 101 -1.27 -8.71 -22.84
C TRP E 101 -0.35 -9.80 -22.28
N ILE E 102 0.61 -9.38 -21.45
CA ILE E 102 1.54 -10.30 -20.82
C ILE E 102 0.79 -11.36 -19.99
N SER E 103 -0.24 -10.93 -19.26
CA SER E 103 -1.06 -11.83 -18.47
C SER E 103 -1.68 -12.93 -19.34
N ALA E 104 -2.25 -12.54 -20.47
CA ALA E 104 -2.87 -13.49 -21.40
C ALA E 104 -1.89 -14.52 -21.96
N VAL E 105 -0.67 -14.08 -22.25
CA VAL E 105 0.37 -14.97 -22.75
C VAL E 105 0.77 -15.95 -21.65
N TYR E 106 0.87 -15.45 -20.43
CA TYR E 106 1.21 -16.26 -19.26
C TYR E 106 0.12 -17.29 -19.01
N SER E 107 -1.14 -16.87 -19.04
CA SER E 107 -2.27 -17.77 -18.86
C SER E 107 -2.27 -18.87 -19.92
N ARG E 108 -1.96 -18.50 -21.17
CA ARG E 108 -1.90 -19.47 -22.25
C ARG E 108 -0.82 -20.51 -21.99
N ALA E 109 0.33 -20.08 -21.51
CA ALA E 109 1.44 -20.99 -21.20
C ALA E 109 1.02 -21.95 -20.08
N LEU E 110 0.40 -21.43 -19.03
CA LEU E 110 -0.08 -22.25 -17.93
C LEU E 110 -1.13 -23.26 -18.38
N ALA E 111 -2.02 -22.83 -19.27
CA ALA E 111 -3.09 -23.67 -19.79
C ALA E 111 -2.54 -24.80 -20.64
N LEU E 112 -1.65 -24.47 -21.57
CA LEU E 112 -1.01 -25.47 -22.42
C LEU E 112 -0.26 -26.50 -21.58
N ASP E 113 0.43 -26.01 -20.57
CA ASP E 113 1.20 -26.86 -19.68
C ASP E 113 0.26 -27.78 -18.89
N GLY E 114 -0.82 -27.21 -18.37
CA GLY E 114 -1.83 -27.97 -17.63
C GLY E 114 -2.52 -29.04 -18.46
N LEU E 115 -2.64 -28.82 -19.77
CA LEU E 115 -3.23 -29.79 -20.69
C LEU E 115 -2.23 -30.82 -21.20
N GLY E 116 -0.99 -30.77 -20.72
CA GLY E 116 0.03 -31.73 -21.13
C GLY E 116 0.68 -31.42 -22.47
N ARG E 117 0.51 -30.19 -22.95
CA ARG E 117 1.07 -29.76 -24.23
C ARG E 117 2.30 -28.91 -23.96
N GLY E 118 3.31 -29.56 -23.36
CA GLY E 118 4.55 -28.90 -22.97
C GLY E 118 5.38 -28.34 -24.12
N ALA E 119 5.36 -29.03 -25.25
CA ALA E 119 6.11 -28.58 -26.43
C ALA E 119 5.67 -27.20 -26.89
N GLU E 120 4.38 -26.89 -26.72
CA GLU E 120 3.82 -25.59 -27.10
C GLU E 120 3.89 -24.58 -25.96
N ALA E 121 3.87 -25.08 -24.72
CA ALA E 121 3.93 -24.21 -23.55
C ALA E 121 5.29 -23.56 -23.37
N MSE E 122 6.34 -24.31 -23.68
CA MSE E 122 7.71 -23.84 -23.52
C MSE E 122 8.00 -22.54 -24.27
O MSE E 122 8.43 -21.57 -23.62
CB MSE E 122 8.64 -24.99 -23.87
CG MSE E 122 10.06 -24.87 -23.42
SE MSE E 122 10.76 -26.71 -23.34
CE MSE E 122 12.73 -26.32 -23.70
N PRO E 123 7.78 -22.47 -25.59
CA PRO E 123 8.00 -21.19 -26.27
C PRO E 123 7.13 -20.04 -25.72
N GLU E 124 5.94 -20.32 -25.20
CA GLU E 124 5.10 -19.28 -24.59
C GLU E 124 5.70 -18.74 -23.29
N PHE E 125 6.27 -19.63 -22.47
CA PHE E 125 6.94 -19.19 -21.25
C PHE E 125 8.15 -18.31 -21.59
N LYS E 126 8.87 -18.66 -22.66
CA LYS E 126 9.99 -17.83 -23.13
C LYS E 126 9.48 -16.46 -23.54
N LYS E 127 8.33 -16.43 -24.24
CA LYS E 127 7.73 -15.18 -24.71
C LYS E 127 7.33 -14.26 -23.55
N VAL E 128 6.88 -14.84 -22.44
CA VAL E 128 6.53 -14.05 -21.26
C VAL E 128 7.75 -13.30 -20.77
N VAL E 129 8.87 -14.00 -20.66
CA VAL E 129 10.11 -13.39 -20.19
C VAL E 129 10.59 -12.31 -21.15
N GLU E 130 10.55 -12.61 -22.44
CA GLU E 130 10.97 -11.65 -23.46
C GLU E 130 10.14 -10.37 -23.42
N MSE E 131 8.83 -10.50 -23.25
CA MSE E 131 7.95 -9.33 -23.17
C MSE E 131 8.18 -8.46 -21.93
O MSE E 131 8.11 -7.24 -22.00
CB MSE E 131 6.49 -9.76 -23.25
CG MSE E 131 6.12 -10.29 -24.62
SE MSE E 131 4.40 -11.12 -24.57
CE MSE E 131 3.28 -9.52 -24.44
N ILE E 132 8.46 -9.12 -20.81
CA ILE E 132 8.76 -8.40 -19.57
C ILE E 132 10.03 -7.58 -19.74
N GLU E 133 11.04 -8.15 -20.40
CA GLU E 133 12.27 -7.42 -20.70
C GLU E 133 11.98 -6.23 -21.60
N GLU E 134 11.28 -6.49 -22.71
CA GLU E 134 10.96 -5.45 -23.71
C GLU E 134 10.16 -4.30 -23.15
N ARG E 135 9.20 -4.61 -22.29
CA ARG E 135 8.32 -3.59 -21.74
C ARG E 135 9.03 -2.57 -20.85
N LYS E 136 8.95 -1.30 -21.26
CA LYS E 136 9.46 -0.19 -20.46
C LYS E 136 8.27 0.09 -19.55
N GLY E 137 8.48 0.08 -18.23
CA GLY E 137 7.39 0.33 -17.28
C GLY E 137 7.15 -0.80 -16.30
N GLU E 138 6.64 -0.45 -15.13
CA GLU E 138 6.37 -1.40 -14.06
C GLU E 138 5.43 -2.51 -14.51
N THR E 139 5.77 -3.75 -14.18
CA THR E 139 4.95 -4.91 -14.51
C THR E 139 4.75 -5.72 -13.22
N PRO E 140 3.74 -5.34 -12.42
CA PRO E 140 3.46 -6.07 -11.18
C PRO E 140 3.33 -7.56 -11.36
N GLY E 141 3.93 -8.33 -10.45
CA GLY E 141 3.90 -9.79 -10.50
C GLY E 141 4.92 -10.42 -11.44
N LYS E 142 5.82 -9.61 -12.00
CA LYS E 142 6.82 -10.09 -12.95
C LYS E 142 7.74 -11.14 -12.36
N GLU E 143 8.06 -11.00 -11.07
CA GLU E 143 8.96 -11.93 -10.42
C GLU E 143 8.32 -13.31 -10.32
N ARG E 144 7.05 -13.34 -9.94
CA ARG E 144 6.29 -14.57 -9.84
C ARG E 144 6.25 -15.31 -11.18
N MSE E 145 5.91 -14.57 -12.23
CA MSE E 145 5.81 -15.12 -13.60
C MSE E 145 7.12 -15.65 -14.14
O MSE E 145 7.17 -16.75 -14.69
CB MSE E 145 5.25 -14.06 -14.56
CG MSE E 145 3.79 -13.75 -14.33
SE MSE E 145 2.99 -12.52 -15.65
CE MSE E 145 3.73 -10.82 -15.05
N MSE E 146 8.18 -14.86 -13.99
CA MSE E 146 9.49 -15.26 -14.47
C MSE E 146 10.00 -16.51 -13.79
O MSE E 146 10.62 -17.35 -14.45
CB MSE E 146 10.49 -14.12 -14.27
CG MSE E 146 10.24 -12.96 -15.22
SE MSE E 146 11.54 -11.54 -15.04
CE MSE E 146 11.29 -11.01 -13.18
N GLU E 147 9.76 -16.64 -12.49
CA GLU E 147 10.22 -17.82 -11.77
C GLU E 147 9.48 -19.08 -12.21
N VAL E 148 8.18 -18.96 -12.41
CA VAL E 148 7.37 -20.08 -12.91
C VAL E 148 7.85 -20.45 -14.32
N ALA E 149 8.02 -19.45 -15.17
CA ALA E 149 8.50 -19.67 -16.54
C ALA E 149 9.82 -20.43 -16.59
N ILE E 150 10.78 -19.99 -15.80
CA ILE E 150 12.07 -20.63 -15.79
C ILE E 150 12.07 -22.03 -15.22
N ASP E 151 11.31 -22.22 -14.15
CA ASP E 151 11.20 -23.54 -13.54
C ASP E 151 10.59 -24.54 -14.51
N ARG E 152 9.50 -24.15 -15.17
CA ARG E 152 8.81 -25.06 -16.11
C ARG E 152 9.63 -25.32 -17.36
N ILE E 153 10.28 -24.30 -17.92
CA ILE E 153 11.14 -24.53 -19.08
C ILE E 153 12.18 -25.59 -18.70
N ALA E 154 12.52 -25.64 -17.41
CA ALA E 154 13.46 -26.62 -16.86
C ALA E 154 12.81 -27.99 -16.67
N GLN E 155 11.66 -28.04 -15.99
CA GLN E 155 10.97 -29.30 -15.75
C GLN E 155 10.52 -29.95 -17.06
N LEU E 156 9.92 -29.17 -17.96
CA LEU E 156 9.49 -29.68 -19.27
C LEU E 156 10.69 -30.08 -20.13
N GLY E 157 11.81 -29.37 -19.96
CA GLY E 157 13.04 -29.63 -20.71
C GLY E 157 13.76 -30.91 -20.31
N ALA E 158 13.37 -31.51 -19.17
CA ALA E 158 13.98 -32.77 -18.73
C ALA E 158 12.99 -33.56 -17.88
N MSE F 2 18.79 33.63 -4.15
CA MSE F 2 18.30 32.22 -4.03
C MSE F 2 16.78 32.11 -3.79
O MSE F 2 16.16 31.18 -4.32
CB MSE F 2 19.02 31.51 -2.88
CG MSE F 2 18.59 30.06 -2.71
SE MSE F 2 19.16 29.32 -1.03
CE MSE F 2 17.94 27.73 -0.97
N LYS F 3 16.22 33.03 -3.01
CA LYS F 3 14.78 33.11 -2.65
C LYS F 3 13.81 32.46 -3.65
N PRO F 4 13.91 32.80 -4.95
CA PRO F 4 13.10 32.11 -5.97
C PRO F 4 13.03 30.56 -5.92
N LEU F 5 14.18 29.89 -5.75
CA LEU F 5 14.20 28.42 -5.70
C LEU F 5 13.63 27.86 -4.39
N LYS F 6 13.81 28.60 -3.29
CA LYS F 6 13.22 28.22 -2.00
C LYS F 6 11.70 28.15 -2.15
N GLU F 7 11.17 29.14 -2.86
CA GLU F 7 9.73 29.28 -3.12
C GLU F 7 9.20 28.17 -4.01
N VAL F 8 10.03 27.68 -4.92
CA VAL F 8 9.63 26.57 -5.79
C VAL F 8 9.38 25.32 -4.96
N VAL F 9 10.33 25.01 -4.07
CA VAL F 9 10.21 23.84 -3.20
C VAL F 9 9.08 24.06 -2.19
N GLY F 10 8.99 25.26 -1.64
CA GLY F 10 7.93 25.58 -0.68
C GLY F 10 6.54 25.33 -1.24
N ALA F 11 6.32 25.75 -2.48
CA ALA F 11 5.04 25.57 -3.14
C ALA F 11 4.77 24.10 -3.45
N TYR F 12 5.79 23.41 -3.97
CA TYR F 12 5.67 21.98 -4.27
C TYR F 12 5.30 21.16 -3.03
N LEU F 13 5.97 21.43 -1.91
CA LEU F 13 5.71 20.72 -0.67
C LEU F 13 4.32 21.04 -0.11
N ALA F 14 3.87 22.28 -0.27
CA ALA F 14 2.54 22.67 0.17
C ALA F 14 1.48 21.90 -0.59
N LEU F 15 1.67 21.77 -1.90
CA LEU F 15 0.73 21.04 -2.74
C LEU F 15 0.76 19.55 -2.43
N SER F 16 1.95 18.98 -2.23
CA SER F 16 2.07 17.56 -1.88
C SER F 16 1.31 17.28 -0.60
N ASP F 17 1.50 18.13 0.39
CA ASP F 17 0.80 17.97 1.66
C ASP F 17 -0.70 18.01 1.46
N ALA F 18 -1.18 18.96 0.65
CA ALA F 18 -2.60 19.08 0.36
C ALA F 18 -3.14 17.80 -0.28
N GLN F 19 -2.39 17.24 -1.23
CA GLN F 19 -2.79 16.02 -1.93
C GLN F 19 -2.94 14.83 -0.99
N ARG F 20 -2.04 14.69 -0.02
CA ARG F 20 -2.15 13.63 0.98
C ARG F 20 -3.35 13.84 1.86
N GLN F 21 -3.59 15.09 2.21
CA GLN F 21 -4.73 15.47 3.07
C GLN F 21 -6.06 15.19 2.39
N LEU F 22 -6.15 15.38 1.08
CA LEU F 22 -7.36 15.07 0.33
C LEU F 22 -7.68 13.58 0.44
N VAL F 23 -6.67 12.75 0.23
CA VAL F 23 -6.81 11.30 0.35
C VAL F 23 -7.25 10.90 1.77
N ALA F 24 -6.74 11.59 2.79
CA ALA F 24 -7.09 11.30 4.17
C ALA F 24 -8.43 11.90 4.63
N GLY F 25 -9.05 12.74 3.79
CA GLY F 25 -10.31 13.37 4.15
C GLY F 25 -10.18 14.61 5.03
N GLU F 26 -8.96 15.15 5.14
CA GLU F 26 -8.72 16.36 5.92
C GLU F 26 -8.89 17.54 4.97
N TYR F 27 -10.13 17.80 4.58
CA TYR F 27 -10.42 18.82 3.57
C TYR F 27 -10.14 20.26 4.00
N ASP F 28 -10.36 20.58 5.27
CA ASP F 28 -10.07 21.91 5.79
C ASP F 28 -8.59 22.24 5.61
N GLU F 29 -7.72 21.30 5.99
CA GLU F 29 -6.27 21.48 5.89
C GLU F 29 -5.83 21.49 4.43
N ALA F 30 -6.43 20.63 3.63
CA ALA F 30 -6.09 20.55 2.21
C ALA F 30 -6.40 21.86 1.49
N ALA F 31 -7.55 22.44 1.79
CA ALA F 31 -7.95 23.71 1.17
C ALA F 31 -6.95 24.80 1.51
N ALA F 32 -6.58 24.86 2.79
CA ALA F 32 -5.61 25.86 3.26
C ALA F 32 -4.26 25.69 2.58
N ASN F 33 -3.78 24.45 2.45
CA ASN F 33 -2.49 24.20 1.80
C ASN F 33 -2.49 24.50 0.30
N CYS F 34 -3.62 24.31 -0.38
CA CYS F 34 -3.73 24.64 -1.79
C CYS F 34 -3.60 26.13 -2.00
N ARG F 35 -4.30 26.90 -1.19
CA ARG F 35 -4.24 28.35 -1.24
C ARG F 35 -2.84 28.83 -0.89
N ARG F 36 -2.24 28.20 0.12
CA ARG F 36 -0.90 28.55 0.54
C ARG F 36 0.12 28.25 -0.55
N ALA F 37 -0.07 27.14 -1.28
CA ALA F 37 0.82 26.76 -2.37
C ALA F 37 0.83 27.82 -3.47
N MSE F 38 -0.35 28.34 -3.81
CA MSE F 38 -0.45 29.39 -4.82
C MSE F 38 0.12 30.72 -4.33
O MSE F 38 0.81 31.40 -5.09
CB MSE F 38 -1.89 29.60 -5.29
CG MSE F 38 -2.36 28.53 -6.26
SE MSE F 38 -4.18 28.85 -6.89
CE MSE F 38 -5.16 28.36 -5.23
N GLU F 39 -0.16 31.07 -3.08
CA GLU F 39 0.39 32.30 -2.50
C GLU F 39 1.90 32.32 -2.59
N ILE F 40 2.54 31.18 -2.33
CA ILE F 40 3.99 31.06 -2.42
C ILE F 40 4.47 31.12 -3.87
N SER F 41 3.78 30.40 -4.77
CA SER F 41 4.16 30.37 -6.18
C SER F 41 4.12 31.77 -6.82
N HIS F 42 3.18 32.61 -6.36
CA HIS F 42 3.06 33.98 -6.90
C HIS F 42 3.99 35.02 -6.26
N THR F 43 4.88 34.59 -5.36
CA THR F 43 5.88 35.49 -4.76
C THR F 43 7.22 35.39 -5.50
N MSE F 44 7.29 34.55 -6.53
CA MSE F 44 8.52 34.40 -7.30
C MSE F 44 8.67 35.55 -8.27
O MSE F 44 7.67 36.10 -8.71
CB MSE F 44 8.48 33.14 -8.15
CG MSE F 44 8.30 31.86 -7.40
SE MSE F 44 8.12 30.46 -8.71
CE MSE F 44 7.50 29.06 -7.56
N PRO F 45 9.93 35.90 -8.60
CA PRO F 45 10.09 36.92 -9.63
C PRO F 45 9.64 36.35 -10.99
N PRO F 46 9.20 37.22 -11.92
CA PRO F 46 8.74 36.71 -13.22
C PRO F 46 9.83 36.04 -14.06
N GLU F 47 11.08 36.45 -13.88
CA GLU F 47 12.21 35.89 -14.61
C GLU F 47 12.66 34.47 -14.18
N GLU F 48 12.03 33.88 -13.17
CA GLU F 48 12.42 32.51 -12.80
C GLU F 48 11.47 31.51 -13.47
N ALA F 49 12.07 30.51 -14.13
CA ALA F 49 11.32 29.50 -14.88
C ALA F 49 10.45 28.64 -13.97
N PHE F 50 9.15 28.66 -14.26
CA PHE F 50 8.17 27.91 -13.48
C PHE F 50 6.88 27.89 -14.28
N ASP F 51 6.18 26.77 -14.27
CA ASP F 51 4.91 26.66 -15.00
C ASP F 51 3.76 27.13 -14.10
N HIS F 52 3.55 28.44 -14.04
CA HIS F 52 2.49 29.02 -13.22
C HIS F 52 1.08 28.59 -13.63
N ALA F 53 0.81 28.57 -14.92
CA ALA F 53 -0.50 28.18 -15.44
C ALA F 53 -0.87 26.77 -14.99
N GLY F 54 0.05 25.83 -15.24
CA GLY F 54 -0.16 24.44 -14.86
C GLY F 54 -0.21 24.23 -13.36
N PHE F 55 0.70 24.87 -12.63
CA PHE F 55 0.73 24.73 -11.18
C PHE F 55 -0.55 25.29 -10.54
N ASP F 56 -1.00 26.46 -10.99
CA ASP F 56 -2.25 27.03 -10.46
C ASP F 56 -3.44 26.11 -10.76
N ALA F 57 -3.45 25.48 -11.93
CA ALA F 57 -4.52 24.57 -12.30
C ALA F 57 -4.57 23.37 -11.37
N PHE F 58 -3.40 22.84 -11.02
CA PHE F 58 -3.32 21.69 -10.12
C PHE F 58 -3.85 22.09 -8.74
N CYS F 59 -3.46 23.29 -8.28
CA CYS F 59 -3.90 23.80 -6.98
C CYS F 59 -5.42 24.02 -6.96
N HIS F 60 -5.96 24.60 -8.04
CA HIS F 60 -7.41 24.82 -8.13
C HIS F 60 -8.22 23.52 -8.19
N ALA F 61 -7.68 22.49 -8.84
CA ALA F 61 -8.36 21.19 -8.89
C ALA F 61 -8.42 20.61 -7.48
N GLY F 62 -7.28 20.61 -6.79
CA GLY F 62 -7.22 20.13 -5.42
C GLY F 62 -8.13 20.91 -4.49
N LEU F 63 -8.14 22.23 -4.65
CA LEU F 63 -8.97 23.09 -3.81
C LEU F 63 -10.45 22.82 -4.05
N ALA F 64 -10.82 22.58 -5.31
CA ALA F 64 -12.22 22.29 -5.66
C ALA F 64 -12.67 20.99 -5.01
N GLU F 65 -11.80 19.98 -5.02
CA GLU F 65 -12.13 18.71 -4.40
C GLU F 65 -12.33 18.89 -2.90
N ALA F 66 -11.45 19.65 -2.27
CA ALA F 66 -11.54 19.90 -0.83
C ALA F 66 -12.82 20.65 -0.48
N LEU F 67 -13.12 21.71 -1.22
CA LEU F 67 -14.31 22.51 -0.97
C LEU F 67 -15.60 21.73 -1.22
N ALA F 68 -15.58 20.83 -2.21
CA ALA F 68 -16.73 19.97 -2.49
C ALA F 68 -16.94 19.04 -1.29
N GLY F 69 -15.84 18.51 -0.76
CA GLY F 69 -15.88 17.64 0.41
C GLY F 69 -16.47 18.32 1.63
N LEU F 70 -16.20 19.61 1.78
CA LEU F 70 -16.73 20.41 2.89
C LEU F 70 -18.15 20.91 2.61
N ARG F 71 -18.67 20.65 1.42
CA ARG F 71 -19.99 21.08 0.97
C ARG F 71 -20.08 22.61 0.87
N SER F 72 -18.95 23.24 0.55
CA SER F 72 -18.86 24.68 0.31
C SER F 72 -18.88 24.76 -1.22
N PHE F 73 -20.06 24.53 -1.78
CA PHE F 73 -20.23 24.38 -3.22
C PHE F 73 -20.00 25.61 -4.09
N ASP F 74 -20.34 26.79 -3.59
CA ASP F 74 -20.17 28.01 -4.38
C ASP F 74 -18.68 28.22 -4.64
N GLU F 75 -17.87 28.19 -3.59
CA GLU F 75 -16.41 28.35 -3.72
C GLU F 75 -15.78 27.21 -4.54
N ALA F 76 -16.31 26.00 -4.37
CA ALA F 76 -15.82 24.83 -5.11
C ALA F 76 -16.03 24.99 -6.61
N LEU F 77 -17.22 25.47 -7.00
CA LEU F 77 -17.55 25.68 -8.39
C LEU F 77 -16.58 26.66 -9.05
N HIS F 78 -16.29 27.76 -8.36
CA HIS F 78 -15.36 28.77 -8.89
C HIS F 78 -13.94 28.24 -9.02
N SER F 79 -13.50 27.44 -8.05
CA SER F 79 -12.16 26.87 -8.11
C SER F 79 -12.07 25.87 -9.27
N ALA F 80 -13.08 25.03 -9.42
CA ALA F 80 -13.10 24.04 -10.51
C ALA F 80 -13.09 24.72 -11.88
N ASP F 81 -13.85 25.81 -12.04
CA ASP F 81 -13.89 26.55 -13.32
C ASP F 81 -12.51 27.13 -13.67
N LYS F 82 -11.79 27.62 -12.67
CA LYS F 82 -10.44 28.16 -12.89
C LYS F 82 -9.48 27.04 -13.36
N ALA F 83 -9.65 25.84 -12.82
CA ALA F 83 -8.84 24.70 -13.24
C ALA F 83 -9.20 24.26 -14.67
N LEU F 84 -10.50 24.20 -14.94
CA LEU F 84 -10.98 23.78 -16.26
C LEU F 84 -10.65 24.77 -17.36
N HIS F 85 -10.51 26.05 -17.01
CA HIS F 85 -10.12 27.07 -18.00
C HIS F 85 -8.77 26.70 -18.60
N TYR F 86 -7.89 26.15 -17.76
CA TYR F 86 -6.57 25.71 -18.19
C TYR F 86 -6.63 24.36 -18.92
N PHE F 87 -7.30 23.38 -18.32
CA PHE F 87 -7.38 22.04 -18.90
C PHE F 87 -8.08 21.97 -20.26
N ASN F 88 -9.09 22.80 -20.49
CA ASN F 88 -9.77 22.80 -21.78
C ASN F 88 -8.86 23.37 -22.87
N ARG F 89 -7.95 24.26 -22.50
CA ARG F 89 -7.02 24.86 -23.47
C ARG F 89 -5.75 24.00 -23.68
N ARG F 90 -5.02 23.75 -22.59
CA ARG F 90 -3.72 23.06 -22.65
C ARG F 90 -3.68 21.68 -21.99
N GLY F 91 -4.84 21.08 -21.70
CA GLY F 91 -4.87 19.79 -20.99
C GLY F 91 -4.58 18.57 -21.86
N GLU F 92 -3.95 17.57 -21.26
CA GLU F 92 -3.61 16.31 -21.92
C GLU F 92 -4.20 15.16 -21.09
N LEU F 93 -5.27 14.56 -21.58
CA LEU F 93 -6.00 13.53 -20.85
C LEU F 93 -5.21 12.25 -20.54
N ASN F 94 -4.32 11.85 -21.43
CA ASN F 94 -3.55 10.63 -21.22
C ASN F 94 -2.22 10.79 -20.47
N GLN F 95 -2.03 11.91 -19.80
CA GLN F 95 -0.84 12.14 -18.97
C GLN F 95 -1.33 12.14 -17.52
N ASP F 96 -0.42 12.13 -16.56
CA ASP F 96 -0.78 12.14 -15.14
C ASP F 96 -1.74 13.31 -14.86
N GLU F 97 -1.47 14.45 -15.50
CA GLU F 97 -2.30 15.66 -15.51
C GLU F 97 -3.80 15.35 -15.70
N GLY F 98 -4.11 14.38 -16.57
CA GLY F 98 -5.48 13.97 -16.84
C GLY F 98 -6.30 13.57 -15.64
N LYS F 99 -5.66 13.01 -14.62
CA LYS F 99 -6.36 12.61 -13.40
C LYS F 99 -6.92 13.83 -12.67
N LEU F 100 -6.18 14.93 -12.70
CA LEU F 100 -6.65 16.18 -12.10
C LEU F 100 -7.72 16.85 -12.96
N TRP F 101 -7.65 16.66 -14.28
CA TRP F 101 -8.68 17.20 -15.19
C TRP F 101 -10.02 16.55 -14.83
N ILE F 102 -10.03 15.22 -14.79
CA ILE F 102 -11.23 14.45 -14.45
C ILE F 102 -11.76 14.85 -13.07
N SER F 103 -10.84 15.04 -12.12
CA SER F 103 -11.22 15.46 -10.77
C SER F 103 -11.94 16.80 -10.78
N ALA F 104 -11.43 17.76 -11.55
CA ALA F 104 -12.05 19.09 -11.66
C ALA F 104 -13.45 19.03 -12.25
N VAL F 105 -13.64 18.17 -13.26
CA VAL F 105 -14.94 17.99 -13.91
C VAL F 105 -15.93 17.38 -12.91
N TYR F 106 -15.45 16.41 -12.14
CA TYR F 106 -16.25 15.75 -11.11
C TYR F 106 -16.65 16.74 -10.01
N SER F 107 -15.69 17.54 -9.55
CA SER F 107 -15.95 18.57 -8.54
C SER F 107 -16.99 19.58 -9.04
N ARG F 108 -16.90 19.95 -10.32
CA ARG F 108 -17.88 20.86 -10.91
C ARG F 108 -19.27 20.26 -10.89
N ALA F 109 -19.37 18.97 -11.23
CA ALA F 109 -20.65 18.27 -11.24
C ALA F 109 -21.25 18.25 -9.83
N LEU F 110 -20.43 17.90 -8.84
CA LEU F 110 -20.87 17.88 -7.44
C LEU F 110 -21.31 19.25 -6.96
N ALA F 111 -20.57 20.28 -7.36
CA ALA F 111 -20.87 21.65 -6.94
C ALA F 111 -22.20 22.13 -7.53
N LEU F 112 -22.37 21.92 -8.83
CA LEU F 112 -23.61 22.31 -9.50
C LEU F 112 -24.81 21.58 -8.88
N ASP F 113 -24.61 20.30 -8.58
CA ASP F 113 -25.66 19.48 -7.98
C ASP F 113 -25.98 20.01 -6.58
N GLY F 114 -24.94 20.32 -5.82
CA GLY F 114 -25.10 20.87 -4.47
C GLY F 114 -25.79 22.21 -4.42
N LEU F 115 -25.66 22.99 -5.49
CA LEU F 115 -26.30 24.31 -5.59
C LEU F 115 -27.72 24.21 -6.15
N GLY F 116 -28.20 23.01 -6.42
CA GLY F 116 -29.56 22.80 -6.95
C GLY F 116 -29.67 23.04 -8.45
N ARG F 117 -28.53 23.04 -9.15
CA ARG F 117 -28.49 23.25 -10.60
C ARG F 117 -28.27 21.91 -11.27
N GLY F 118 -29.25 21.02 -11.10
CA GLY F 118 -29.19 19.66 -11.65
C GLY F 118 -29.20 19.54 -13.16
N ALA F 119 -29.88 20.46 -13.83
CA ALA F 119 -29.92 20.48 -15.29
C ALA F 119 -28.52 20.61 -15.88
N GLU F 120 -27.65 21.35 -15.20
CA GLU F 120 -26.27 21.58 -15.65
C GLU F 120 -25.32 20.52 -15.10
N ALA F 121 -25.67 19.96 -13.95
CA ALA F 121 -24.86 18.92 -13.31
C ALA F 121 -24.90 17.60 -14.07
N MSE F 122 -26.07 17.25 -14.61
CA MSE F 122 -26.22 16.00 -15.37
C MSE F 122 -25.22 15.80 -16.50
O MSE F 122 -24.54 14.78 -16.53
CB MSE F 122 -27.63 15.81 -15.93
CG MSE F 122 -28.54 14.97 -15.06
SE MSE F 122 -30.21 14.54 -15.99
CE MSE F 122 -29.47 13.59 -17.61
N PRO F 123 -25.18 16.73 -17.48
CA PRO F 123 -24.19 16.57 -18.54
C PRO F 123 -22.74 16.51 -18.04
N GLU F 124 -22.42 17.14 -16.92
CA GLU F 124 -21.06 17.06 -16.37
C GLU F 124 -20.79 15.67 -15.81
N PHE F 125 -21.77 15.07 -15.13
CA PHE F 125 -21.60 13.70 -14.62
C PHE F 125 -21.39 12.73 -15.78
N LYS F 126 -22.11 12.96 -16.89
CA LYS F 126 -21.96 12.15 -18.09
C LYS F 126 -20.54 12.31 -18.65
N LYS F 127 -20.03 13.54 -18.63
CA LYS F 127 -18.67 13.84 -19.11
C LYS F 127 -17.59 13.14 -18.28
N VAL F 128 -17.82 13.01 -16.98
CA VAL F 128 -16.88 12.31 -16.11
C VAL F 128 -16.74 10.86 -16.57
N VAL F 129 -17.87 10.21 -16.83
CA VAL F 129 -17.87 8.82 -17.29
C VAL F 129 -17.18 8.70 -18.64
N GLU F 130 -17.51 9.60 -19.55
CA GLU F 130 -16.93 9.61 -20.88
C GLU F 130 -15.42 9.75 -20.85
N MSE F 131 -14.91 10.64 -20.00
CA MSE F 131 -13.47 10.86 -19.90
C MSE F 131 -12.74 9.64 -19.32
O MSE F 131 -11.63 9.31 -19.77
CB MSE F 131 -13.16 12.10 -19.09
CG MSE F 131 -13.58 13.37 -19.79
SE MSE F 131 -13.51 14.89 -18.60
CE MSE F 131 -11.61 15.21 -18.60
N ILE F 132 -13.35 8.99 -18.35
CA ILE F 132 -12.78 7.80 -17.72
C ILE F 132 -12.64 6.69 -18.77
N GLU F 133 -13.65 6.53 -19.62
CA GLU F 133 -13.59 5.56 -20.71
C GLU F 133 -12.46 5.89 -21.67
N GLU F 134 -12.44 7.16 -22.10
CA GLU F 134 -11.47 7.64 -23.07
C GLU F 134 -10.04 7.54 -22.62
N ARG F 135 -9.79 7.83 -21.34
CA ARG F 135 -8.45 7.81 -20.80
C ARG F 135 -7.79 6.45 -20.77
N LYS F 136 -6.66 6.33 -21.47
CA LYS F 136 -5.85 5.13 -21.45
C LYS F 136 -4.98 5.34 -20.22
N GLY F 137 -5.00 4.41 -19.28
CA GLY F 137 -4.20 4.55 -18.05
C GLY F 137 -5.03 4.53 -16.79
N GLU F 138 -4.40 4.10 -15.69
CA GLU F 138 -5.05 3.98 -14.39
C GLU F 138 -5.65 5.31 -13.91
N THR F 139 -6.89 5.26 -13.43
CA THR F 139 -7.56 6.43 -12.90
C THR F 139 -8.09 6.09 -11.50
N PRO F 140 -7.23 6.20 -10.46
CA PRO F 140 -7.65 5.92 -9.09
C PRO F 140 -8.93 6.63 -8.69
N GLY F 141 -9.82 5.90 -8.01
CA GLY F 141 -11.10 6.43 -7.58
C GLY F 141 -12.19 6.47 -8.65
N LYS F 142 -11.92 5.84 -9.78
CA LYS F 142 -12.88 5.85 -10.90
C LYS F 142 -14.20 5.18 -10.54
N GLU F 143 -14.14 4.14 -9.72
CA GLU F 143 -15.34 3.39 -9.35
C GLU F 143 -16.24 4.27 -8.48
N ARG F 144 -15.65 4.98 -7.53
CA ARG F 144 -16.41 5.89 -6.67
C ARG F 144 -17.11 6.95 -7.50
N MSE F 145 -16.37 7.59 -8.40
CA MSE F 145 -16.92 8.63 -9.25
C MSE F 145 -18.04 8.17 -10.16
O MSE F 145 -19.08 8.81 -10.25
CB MSE F 145 -15.82 9.29 -10.09
CG MSE F 145 -14.91 10.21 -9.28
SE MSE F 145 -13.61 11.13 -10.42
CE MSE F 145 -12.26 9.67 -10.64
N MSE F 146 -17.82 7.04 -10.83
CA MSE F 146 -18.80 6.51 -11.76
C MSE F 146 -20.10 6.12 -11.08
O MSE F 146 -21.18 6.34 -11.65
CB MSE F 146 -18.25 5.32 -12.52
CG MSE F 146 -17.21 5.69 -13.56
SE MSE F 146 -16.58 4.12 -14.53
CE MSE F 146 -15.90 3.03 -13.11
N GLU F 147 -20.01 5.57 -9.88
CA GLU F 147 -21.21 5.19 -9.15
C GLU F 147 -22.01 6.42 -8.72
N VAL F 148 -21.33 7.46 -8.24
CA VAL F 148 -22.00 8.70 -7.88
C VAL F 148 -22.65 9.29 -9.12
N ALA F 149 -21.90 9.34 -10.22
CA ALA F 149 -22.40 9.88 -11.47
C ALA F 149 -23.67 9.20 -11.95
N ILE F 150 -23.66 7.87 -11.97
CA ILE F 150 -24.82 7.13 -12.47
C ILE F 150 -26.02 7.22 -11.53
N ASP F 151 -25.78 7.24 -10.21
CA ASP F 151 -26.87 7.35 -9.25
C ASP F 151 -27.54 8.71 -9.33
N ARG F 152 -26.75 9.78 -9.46
CA ARG F 152 -27.31 11.13 -9.55
C ARG F 152 -28.01 11.37 -10.89
N ILE F 153 -27.43 10.89 -11.99
CA ILE F 153 -28.08 11.04 -13.29
C ILE F 153 -29.48 10.40 -13.25
N ALA F 154 -29.62 9.26 -12.56
CA ALA F 154 -30.90 8.59 -12.45
C ALA F 154 -31.89 9.36 -11.58
N GLN F 155 -31.44 9.77 -10.40
CA GLN F 155 -32.28 10.50 -9.46
C GLN F 155 -32.71 11.86 -9.98
N LEU F 156 -31.86 12.52 -10.76
CA LEU F 156 -32.22 13.81 -11.36
C LEU F 156 -33.23 13.57 -12.48
N GLY F 157 -32.86 12.73 -13.44
CA GLY F 157 -33.74 12.40 -14.57
C GLY F 157 -34.88 11.47 -14.19
C1 GOL G . 12.57 5.61 13.37
O1 GOL G . 12.23 6.42 14.48
C2 GOL G . 11.35 4.81 12.91
O2 GOL G . 10.67 4.27 14.01
C3 GOL G . 11.77 3.66 11.97
O3 GOL G . 12.80 4.06 11.09
C1 GOL H . -16.41 5.37 8.50
O1 GOL H . -17.23 4.27 8.83
C2 GOL H . -14.98 4.91 8.24
O2 GOL H . -14.51 4.18 9.37
C3 GOL H . -14.06 6.10 7.99
O3 GOL H . -14.50 6.82 6.87
CL CL I . 3.41 -37.32 7.67
C1 GOL J . 16.15 -27.60 7.56
O1 GOL J . 16.38 -27.06 6.27
C2 GOL J . 15.22 -28.81 7.48
O2 GOL J . 13.91 -28.44 7.07
C3 GOL J . 15.12 -29.57 8.81
O3 GOL J . 15.71 -28.87 9.88
C1 GOL K . 19.42 -10.45 0.27
O1 GOL K . 20.79 -10.30 -0.01
C2 GOL K . 19.10 -11.87 0.71
O2 GOL K . 19.65 -12.09 1.99
C3 GOL K . 19.58 -12.89 -0.33
O3 GOL K . 18.64 -12.99 -1.39
C1 GOL L . -2.94 -11.21 -1.53
O1 GOL L . -4.21 -10.83 -1.07
C2 GOL L . -2.98 -12.68 -1.91
O2 GOL L . -4.20 -12.88 -2.57
C3 GOL L . -2.97 -13.57 -0.67
O3 GOL L . -1.84 -14.41 -0.58
C1 GOL M . -2.00 -28.55 13.23
O1 GOL M . -2.58 -27.60 14.10
C2 GOL M . -3.06 -29.41 12.57
O2 GOL M . -4.32 -29.21 13.18
C3 GOL M . -2.64 -30.88 12.65
O3 GOL M . -1.42 -31.06 11.96
C1 GOL N . 17.43 8.17 -3.39
O1 GOL N . 18.16 7.85 -4.55
C2 GOL N . 15.92 7.99 -3.59
O2 GOL N . 15.51 8.67 -4.76
C3 GOL N . 15.19 8.48 -2.34
O3 GOL N . 13.81 8.68 -2.58
CL CL O . 2.60 -11.09 -6.61
C1 GOL P . -20.63 -6.90 -6.13
O1 GOL P . -21.97 -6.99 -6.56
C2 GOL P . -19.85 -8.12 -6.61
O2 GOL P . -19.71 -8.01 -8.01
C3 GOL P . -20.57 -9.41 -6.26
O3 GOL P . -19.64 -10.45 -6.04
C1 GOL Q . -8.54 -23.19 -29.17
O1 GOL Q . -8.56 -21.78 -29.16
C2 GOL Q . -7.32 -23.77 -29.89
O2 GOL Q . -7.27 -25.16 -29.65
C3 GOL Q . -6.02 -23.13 -29.39
O3 GOL Q . -4.91 -23.97 -29.58
CL CL R . -26.51 16.85 -2.90
C1 GOL S . -12.53 12.02 -4.83
O1 GOL S . -13.81 11.96 -4.26
C2 GOL S . -12.49 11.36 -6.22
O2 GOL S . -12.36 9.96 -6.08
C3 GOL S . -11.33 11.91 -7.07
O3 GOL S . -11.54 13.28 -7.40
C1 GOL T . 1.86 21.16 7.68
O1 GOL T . 3.06 21.71 7.17
C2 GOL T . 0.73 21.34 6.67
O2 GOL T . 1.24 21.99 5.53
C3 GOL T . -0.44 22.10 7.30
O3 GOL T . -1.18 21.23 8.14
C1 GOL U . -10.16 31.28 -6.41
O1 GOL U . -10.66 29.97 -6.55
C2 GOL U . -8.72 31.24 -5.93
O2 GOL U . -8.69 31.06 -4.53
C3 GOL U . -7.97 32.51 -6.33
O3 GOL U . -7.38 32.35 -7.60
C1 GOL V . -11.35 6.85 -4.29
O1 GOL V . -11.62 7.73 -3.23
C2 GOL V . -11.07 5.43 -3.78
O2 GOL V . -11.66 5.25 -2.52
C3 GOL V . -9.58 5.12 -3.68
O3 GOL V . -9.19 4.31 -4.77
#